data_7R3W
#
_entry.id   7R3W
#
_cell.length_a   120.650
_cell.length_b   244.920
_cell.length_c   139.320
_cell.angle_alpha   90.000
_cell.angle_beta   90.000
_cell.angle_gamma   90.000
#
_symmetry.space_group_name_H-M   'C 2 2 21'
#
_entity_poly.entity_id   1
_entity_poly.type   'polypeptide(L)'
_entity_poly.pdbx_seq_one_letter_code
;MGSSHHHHHHSSGLVPRGSHMSGENLYFQGASMNDLISAAYSERLRRVCDHIERHLDEPLSIEALSRMAHSSPFHFHRQF
TTWSGLPLYRYIQWLRLRRASWRLAFNPQDKVIDIALDAGFQNPESFTRAFKTAFGQSPRRFRQSPDWLAWHQRVPKLAL
QEQHVMDVKIVEFPPTRVAMLTHLGHPDKVNASAAKFIAWRRETGQSPIASSQTFGIAWHDPQTTPPAQFRFDICGSVRQ
PIAENDVGVVNSEIPGGRCAVVRHQGSLDSLPESVWYLFREWLPASGETPRDFPVFFQYLNFVHEVAEHELLTDIYLPLR
;
_entity_poly.pdbx_strand_id   A,B,C,D
#
# COMPACT_ATOMS: atom_id res chain seq x y z
N PHE A 28 -10.34 39.47 -40.90
CA PHE A 28 -11.04 40.68 -40.51
C PHE A 28 -10.00 41.60 -39.84
N GLN A 29 -10.15 42.92 -40.02
CA GLN A 29 -9.32 43.92 -39.37
C GLN A 29 -9.96 44.46 -38.08
N GLY A 30 -11.17 44.03 -37.75
CA GLY A 30 -11.88 44.57 -36.60
C GLY A 30 -11.44 43.96 -35.28
N ALA A 31 -11.93 44.58 -34.20
CA ALA A 31 -11.64 44.08 -32.86
C ALA A 31 -12.39 42.77 -32.62
N SER A 32 -11.69 41.78 -32.10
CA SER A 32 -12.27 40.46 -31.86
C SER A 32 -12.73 40.35 -30.41
N MET A 33 -13.89 39.72 -30.23
CA MET A 33 -14.42 39.44 -28.91
C MET A 33 -13.41 38.70 -28.03
N ASN A 34 -12.68 37.76 -28.63
CA ASN A 34 -11.68 36.98 -27.89
C ASN A 34 -10.60 37.90 -27.32
N ASP A 35 -10.05 38.78 -28.15
CA ASP A 35 -9.00 39.70 -27.70
C ASP A 35 -9.56 40.69 -26.69
N LEU A 36 -10.81 41.12 -26.87
CA LEU A 36 -11.44 42.01 -25.89
C LEU A 36 -11.52 41.36 -24.52
N ILE A 37 -11.89 40.08 -24.48
CA ILE A 37 -11.99 39.37 -23.20
C ILE A 37 -10.61 39.23 -22.57
N SER A 38 -9.60 38.87 -23.36
CA SER A 38 -8.25 38.77 -22.82
C SER A 38 -7.77 40.11 -22.27
N ALA A 39 -8.11 41.21 -22.96
CA ALA A 39 -7.72 42.54 -22.49
C ALA A 39 -8.41 42.89 -21.18
N ALA A 40 -9.71 42.60 -21.06
CA ALA A 40 -10.41 42.87 -19.81
C ALA A 40 -9.81 42.08 -18.65
N TYR A 41 -9.46 40.81 -18.90
CA TYR A 41 -8.84 39.98 -17.87
C TYR A 41 -7.48 40.54 -17.45
N SER A 42 -6.65 40.90 -18.44
CA SER A 42 -5.34 41.46 -18.15
C SER A 42 -5.45 42.76 -17.35
N GLU A 43 -6.43 43.60 -17.68
CA GLU A 43 -6.57 44.87 -16.96
C GLU A 43 -7.16 44.69 -15.57
N ARG A 44 -8.01 43.68 -15.38
CA ARG A 44 -8.37 43.25 -14.04
C ARG A 44 -7.13 42.98 -13.20
N LEU A 45 -6.27 42.10 -13.70
CA LEU A 45 -5.08 41.75 -12.93
C LEU A 45 -4.13 42.94 -12.79
N ARG A 46 -4.15 43.89 -13.73
CA ARG A 46 -3.33 45.08 -13.58
C ARG A 46 -3.86 45.99 -12.47
N ARG A 47 -5.18 46.13 -12.38
CA ARG A 47 -5.79 46.76 -11.22
C ARG A 47 -5.28 46.13 -9.93
N VAL A 48 -5.27 44.79 -9.89
CA VAL A 48 -4.82 44.10 -8.68
C VAL A 48 -3.35 44.40 -8.39
N CYS A 49 -2.51 44.40 -9.42
CA CYS A 49 -1.09 44.74 -9.23
C CYS A 49 -0.94 46.14 -8.64
N ASP A 50 -1.72 47.10 -9.15
CA ASP A 50 -1.60 48.45 -8.64
C ASP A 50 -2.08 48.53 -7.19
N HIS A 51 -3.13 47.78 -6.85
CA HIS A 51 -3.56 47.73 -5.45
C HIS A 51 -2.46 47.19 -4.56
N ILE A 52 -1.74 46.17 -5.02
CA ILE A 52 -0.63 45.62 -4.25
C ILE A 52 0.47 46.67 -4.09
N GLU A 53 0.80 47.35 -5.19
CA GLU A 53 1.84 48.37 -5.14
C GLU A 53 1.48 49.48 -4.15
N ARG A 54 0.20 49.82 -4.05
CA ARG A 54 -0.21 50.81 -3.06
C ARG A 54 -0.18 50.22 -1.65
N HIS A 55 -0.85 49.09 -1.46
CA HIS A 55 -1.04 48.50 -0.14
C HIS A 55 0.04 47.49 0.22
N LEU A 56 1.29 47.74 -0.20
CA LEU A 56 2.40 47.00 0.36
C LEU A 56 2.55 47.33 1.85
N ASP A 57 3.39 46.55 2.53
CA ASP A 57 3.60 46.70 3.97
C ASP A 57 2.31 46.55 4.76
N GLU A 58 1.29 45.95 4.17
CA GLU A 58 -0.02 45.77 4.78
C GLU A 58 -0.42 44.31 4.78
N PRO A 59 -1.30 43.91 5.70
CA PRO A 59 -1.89 42.57 5.62
C PRO A 59 -2.64 42.37 4.32
N LEU A 60 -2.07 41.59 3.41
CA LEU A 60 -2.63 41.40 2.07
C LEU A 60 -3.40 40.09 2.07
N SER A 61 -4.71 40.17 2.29
CA SER A 61 -5.57 38.99 2.32
C SER A 61 -5.81 38.49 0.89
N ILE A 62 -5.47 37.23 0.64
CA ILE A 62 -5.61 36.68 -0.71
C ILE A 62 -7.07 36.57 -1.11
N GLU A 63 -7.96 36.42 -0.13
CA GLU A 63 -9.39 36.36 -0.42
C GLU A 63 -9.86 37.62 -1.14
N ALA A 64 -9.49 38.78 -0.59
CA ALA A 64 -9.88 40.06 -1.17
C ALA A 64 -9.29 40.27 -2.56
N LEU A 65 -7.98 40.07 -2.70
CA LEU A 65 -7.34 40.27 -4.00
C LEU A 65 -7.90 39.32 -5.03
N SER A 66 -8.21 38.08 -4.61
CA SER A 66 -8.85 37.13 -5.50
C SER A 66 -10.21 37.65 -5.95
N ARG A 67 -10.96 38.26 -5.03
CA ARG A 67 -12.25 38.82 -5.40
C ARG A 67 -12.08 39.95 -6.40
N MET A 68 -11.06 40.79 -6.20
CA MET A 68 -10.81 41.91 -7.11
C MET A 68 -10.41 41.46 -8.51
N ALA A 69 -10.07 40.19 -8.69
CA ALA A 69 -9.74 39.66 -10.00
C ALA A 69 -10.87 38.85 -10.61
N HIS A 70 -12.04 38.84 -9.96
CA HIS A 70 -13.19 38.03 -10.38
C HIS A 70 -12.77 36.59 -10.68
N SER A 71 -11.99 36.02 -9.76
CA SER A 71 -11.48 34.67 -9.93
C SER A 71 -11.41 33.99 -8.57
N SER A 72 -11.01 32.71 -8.58
CA SER A 72 -11.07 31.87 -7.40
C SER A 72 -9.89 32.15 -6.47
N PRO A 73 -10.10 32.18 -5.16
CA PRO A 73 -8.97 32.24 -4.23
C PRO A 73 -7.96 31.13 -4.44
N PHE A 74 -8.41 29.97 -4.91
CA PHE A 74 -7.53 28.82 -5.08
C PHE A 74 -6.70 28.90 -6.35
N HIS A 75 -7.08 29.76 -7.30
CA HIS A 75 -6.39 29.86 -8.56
C HIS A 75 -5.73 31.22 -8.78
N PHE A 76 -5.81 32.12 -7.80
CA PHE A 76 -5.26 33.46 -7.95
C PHE A 76 -3.75 33.42 -8.12
N HIS A 77 -3.08 32.59 -7.32
CA HIS A 77 -1.62 32.55 -7.37
C HIS A 77 -1.13 32.07 -8.73
N ARG A 78 -1.77 31.05 -9.30
CA ARG A 78 -1.32 30.54 -10.58
C ARG A 78 -1.55 31.55 -11.69
N GLN A 79 -2.62 32.34 -11.61
CA GLN A 79 -2.85 33.38 -12.61
C GLN A 79 -1.81 34.48 -12.51
N PHE A 80 -1.52 34.94 -11.29
CA PHE A 80 -0.51 35.97 -11.11
C PHE A 80 0.85 35.48 -11.56
N THR A 81 1.22 34.25 -11.19
CA THR A 81 2.46 33.64 -11.66
C THR A 81 2.48 33.54 -13.18
N THR A 82 1.33 33.20 -13.77
CA THR A 82 1.24 33.05 -15.22
C THR A 82 1.54 34.36 -15.92
N TRP A 83 0.94 35.45 -15.46
CA TRP A 83 0.99 36.69 -16.22
C TRP A 83 2.13 37.61 -15.79
N SER A 84 2.28 37.85 -14.49
CA SER A 84 3.42 38.62 -14.00
C SER A 84 4.74 37.92 -14.28
N GLY A 85 4.74 36.59 -14.32
CA GLY A 85 5.95 35.82 -14.51
C GLY A 85 6.68 35.43 -13.24
N LEU A 86 6.21 35.91 -12.08
CA LEU A 86 6.84 35.60 -10.80
C LEU A 86 5.75 35.62 -9.74
N PRO A 87 5.82 34.73 -8.76
CA PRO A 87 4.75 34.64 -7.75
C PRO A 87 4.69 35.87 -6.86
N LEU A 88 3.62 35.93 -6.06
CA LEU A 88 3.37 37.11 -5.23
C LEU A 88 4.50 37.35 -4.23
N TYR A 89 5.06 36.29 -3.66
CA TYR A 89 6.11 36.50 -2.67
C TYR A 89 7.37 37.06 -3.30
N ARG A 90 7.79 36.52 -4.45
CA ARG A 90 8.93 37.09 -5.17
C ARG A 90 8.63 38.50 -5.65
N TYR A 91 7.40 38.73 -6.15
CA TYR A 91 7.04 40.06 -6.64
C TYR A 91 7.10 41.09 -5.53
N ILE A 92 6.50 40.79 -4.38
CA ILE A 92 6.49 41.71 -3.25
C ILE A 92 7.91 41.96 -2.76
N GLN A 93 8.70 40.88 -2.63
CA GLN A 93 10.09 41.02 -2.23
C GLN A 93 10.86 41.94 -3.18
N TRP A 94 10.70 41.75 -4.49
CA TRP A 94 11.54 42.46 -5.44
C TRP A 94 11.08 43.90 -5.61
N LEU A 95 9.78 44.17 -5.52
CA LEU A 95 9.30 45.55 -5.44
C LEU A 95 9.88 46.25 -4.22
N ARG A 96 9.91 45.55 -3.07
CA ARG A 96 10.47 46.12 -1.85
C ARG A 96 11.96 46.38 -2.03
N LEU A 97 12.66 45.49 -2.73
CA LEU A 97 14.08 45.67 -3.01
C LEU A 97 14.33 46.87 -3.90
N ARG A 98 13.48 47.10 -4.89
CA ARG A 98 13.62 48.28 -5.74
C ARG A 98 13.39 49.56 -4.94
N ARG A 99 12.39 49.55 -4.06
CA ARG A 99 12.17 50.69 -3.19
C ARG A 99 13.40 50.94 -2.31
N ALA A 100 13.96 49.89 -1.74
CA ALA A 100 15.18 50.03 -0.95
C ALA A 100 16.35 50.51 -1.79
N SER A 101 16.37 50.17 -3.08
CA SER A 101 17.45 50.62 -3.95
C SER A 101 17.36 52.12 -4.19
N TRP A 102 16.15 52.63 -4.46
CA TRP A 102 15.97 54.07 -4.49
C TRP A 102 16.41 54.71 -3.19
N ARG A 103 16.07 54.09 -2.05
CA ARG A 103 16.43 54.69 -0.77
C ARG A 103 17.94 54.66 -0.53
N LEU A 104 18.63 53.64 -1.04
CA LEU A 104 20.08 53.60 -0.93
C LEU A 104 20.70 54.70 -1.77
N ALA A 105 20.32 54.80 -3.05
CA ALA A 105 21.01 55.73 -3.94
C ALA A 105 20.67 57.18 -3.61
N PHE A 106 19.41 57.46 -3.28
CA PHE A 106 18.96 58.85 -3.20
C PHE A 106 18.53 59.28 -1.80
N ASN A 107 18.84 58.48 -0.78
CA ASN A 107 18.64 58.87 0.61
C ASN A 107 19.86 58.44 1.41
N PRO A 108 20.99 59.10 1.21
CA PRO A 108 22.24 58.66 1.85
C PRO A 108 22.22 58.75 3.35
N GLN A 109 21.31 59.55 3.91
CA GLN A 109 21.23 59.73 5.35
C GLN A 109 20.71 58.48 6.06
N ASP A 110 19.93 57.66 5.36
CA ASP A 110 19.29 56.52 6.01
C ASP A 110 20.29 55.40 6.28
N LYS A 111 20.17 54.79 7.46
CA LYS A 111 21.06 53.71 7.85
C LYS A 111 20.69 52.43 7.13
N VAL A 112 21.71 51.62 6.80
CA VAL A 112 21.47 50.42 6.01
C VAL A 112 20.70 49.38 6.81
N ILE A 113 20.95 49.30 8.12
CA ILE A 113 20.14 48.42 8.97
C ILE A 113 18.69 48.88 8.96
N ASP A 114 18.48 50.19 9.05
CA ASP A 114 17.12 50.74 9.04
C ASP A 114 16.43 50.46 7.71
N ILE A 115 17.15 50.62 6.60
CA ILE A 115 16.59 50.36 5.28
C ILE A 115 16.25 48.89 5.12
N ALA A 116 17.14 48.02 5.60
CA ALA A 116 16.92 46.59 5.51
C ALA A 116 15.72 46.16 6.35
N LEU A 117 15.51 46.79 7.50
CA LEU A 117 14.32 46.50 8.29
C LEU A 117 13.06 47.00 7.59
N ASP A 118 13.13 48.16 6.95
CA ASP A 118 11.95 48.71 6.27
C ASP A 118 11.51 47.83 5.11
N ALA A 119 12.46 47.12 4.47
CA ALA A 119 12.13 46.25 3.35
C ALA A 119 11.66 44.86 3.80
N GLY A 120 11.37 44.66 5.07
CA GLY A 120 10.83 43.41 5.56
C GLY A 120 11.84 42.35 5.91
N PHE A 121 13.12 42.69 5.99
CA PHE A 121 14.18 41.72 6.29
C PHE A 121 14.57 41.83 7.75
N GLN A 122 14.79 40.67 8.38
CA GLN A 122 15.09 40.65 9.81
C GLN A 122 16.52 41.10 10.09
N ASN A 123 17.46 40.73 9.23
CA ASN A 123 18.86 41.03 9.45
C ASN A 123 19.46 41.74 8.26
N PRO A 124 20.34 42.72 8.48
CA PRO A 124 21.04 43.36 7.35
C PRO A 124 21.83 42.37 6.51
N GLU A 125 22.31 41.28 7.12
CA GLU A 125 23.03 40.26 6.37
C GLU A 125 22.13 39.59 5.34
N SER A 126 20.89 39.26 5.72
CA SER A 126 19.97 38.63 4.77
C SER A 126 19.54 39.60 3.68
N PHE A 127 19.34 40.88 4.04
CA PHE A 127 19.08 41.89 3.04
C PHE A 127 20.22 41.99 2.04
N THR A 128 21.46 41.96 2.52
CA THR A 128 22.62 41.98 1.64
C THR A 128 22.67 40.74 0.77
N ARG A 129 22.32 39.58 1.32
CA ARG A 129 22.21 38.36 0.53
C ARG A 129 21.26 38.56 -0.65
N ALA A 130 20.04 39.01 -0.36
CA ALA A 130 19.03 39.15 -1.41
C ALA A 130 19.45 40.19 -2.44
N PHE A 131 20.03 41.30 -1.97
CA PHE A 131 20.51 42.34 -2.89
C PHE A 131 21.57 41.77 -3.84
N LYS A 132 22.61 41.13 -3.30
CA LYS A 132 23.66 40.57 -4.14
C LYS A 132 23.10 39.48 -5.06
N THR A 133 22.05 38.78 -4.62
CA THR A 133 21.50 37.70 -5.42
C THR A 133 20.75 38.23 -6.63
N ALA A 134 19.83 39.16 -6.42
CA ALA A 134 18.96 39.60 -7.50
C ALA A 134 19.56 40.72 -8.34
N PHE A 135 20.37 41.59 -7.74
CA PHE A 135 20.79 42.82 -8.39
C PHE A 135 22.09 42.67 -9.17
N GLY A 136 23.08 42.03 -8.57
CA GLY A 136 24.41 41.90 -9.18
C GLY A 136 25.47 42.76 -8.52
N GLN A 137 25.08 43.70 -7.66
CA GLN A 137 26.01 44.55 -6.92
C GLN A 137 25.69 44.47 -5.44
N SER A 138 26.70 44.75 -4.62
CA SER A 138 26.48 44.81 -3.19
C SER A 138 25.67 46.06 -2.85
N PRO A 139 25.02 46.08 -1.68
CA PRO A 139 24.27 47.29 -1.30
C PRO A 139 25.13 48.54 -1.18
N ARG A 140 26.28 48.43 -0.51
CA ARG A 140 27.08 49.63 -0.27
C ARG A 140 27.74 50.13 -1.55
N ARG A 141 28.20 49.20 -2.39
CA ARG A 141 28.74 49.62 -3.69
C ARG A 141 27.68 50.25 -4.55
N PHE A 142 26.43 49.81 -4.42
CA PHE A 142 25.34 50.48 -5.11
C PHE A 142 25.16 51.90 -4.58
N ARG A 143 25.18 52.06 -3.25
CA ARG A 143 25.12 53.41 -2.69
C ARG A 143 26.27 54.29 -3.19
N GLN A 144 27.43 53.68 -3.48
CA GLN A 144 28.57 54.44 -3.95
C GLN A 144 28.42 54.83 -5.42
N SER A 145 28.31 53.82 -6.30
CA SER A 145 28.16 54.06 -7.74
C SER A 145 27.01 53.22 -8.27
N PRO A 146 25.79 53.76 -8.29
CA PRO A 146 24.66 53.03 -8.86
C PRO A 146 24.83 52.82 -10.36
N ASP A 147 24.75 51.57 -10.80
CA ASP A 147 24.74 51.23 -12.21
C ASP A 147 23.31 50.80 -12.55
N TRP A 148 22.42 51.80 -12.68
CA TRP A 148 21.00 51.52 -12.81
C TRP A 148 20.67 50.81 -14.12
N LEU A 149 21.45 51.07 -15.17
CA LEU A 149 21.22 50.42 -16.46
C LEU A 149 21.24 48.91 -16.29
N ALA A 150 22.25 48.39 -15.59
CA ALA A 150 22.29 46.97 -15.26
C ALA A 150 21.04 46.53 -14.51
N TRP A 151 20.60 47.33 -13.54
CA TRP A 151 19.42 46.94 -12.76
C TRP A 151 18.21 46.76 -13.66
N HIS A 152 17.99 47.70 -14.59
CA HIS A 152 16.84 47.58 -15.48
C HIS A 152 17.00 46.38 -16.41
N GLN A 153 18.25 46.03 -16.75
CA GLN A 153 18.45 44.85 -17.59
C GLN A 153 18.40 43.54 -16.81
N ARG A 154 18.41 43.58 -15.48
CA ARG A 154 18.40 42.37 -14.64
C ARG A 154 17.04 42.06 -14.05
N VAL A 155 15.96 42.51 -14.69
CA VAL A 155 14.62 42.29 -14.13
C VAL A 155 14.28 40.82 -13.97
N PRO A 156 14.65 39.91 -14.91
CA PRO A 156 14.49 38.46 -14.75
C PRO A 156 14.71 37.93 -13.33
N VAL A 165 17.78 21.23 -17.86
CA VAL A 165 17.12 20.39 -16.86
C VAL A 165 18.13 19.62 -16.02
N MET A 166 19.04 18.89 -16.66
CA MET A 166 20.01 18.07 -15.97
C MET A 166 21.32 18.83 -15.83
N ASP A 167 21.86 18.85 -14.61
CA ASP A 167 23.13 19.52 -14.35
C ASP A 167 24.28 18.66 -14.87
N VAL A 168 25.08 19.23 -15.77
CA VAL A 168 26.29 18.59 -16.28
C VAL A 168 27.47 19.49 -15.94
N LYS A 169 28.52 18.90 -15.39
CA LYS A 169 29.65 19.69 -14.90
C LYS A 169 30.94 19.29 -15.61
N ILE A 170 31.96 20.11 -15.39
CA ILE A 170 33.30 19.89 -15.94
C ILE A 170 34.24 19.66 -14.76
N VAL A 171 34.84 18.46 -14.70
CA VAL A 171 35.81 18.15 -13.66
C VAL A 171 37.06 17.62 -14.33
N GLU A 172 38.17 17.69 -13.59
CA GLU A 172 39.45 17.15 -14.06
C GLU A 172 39.64 15.79 -13.41
N PHE A 173 39.39 14.74 -14.17
CA PHE A 173 39.48 13.38 -13.66
C PHE A 173 40.95 13.00 -13.48
N PRO A 174 41.36 12.55 -12.29
CA PRO A 174 42.76 12.18 -12.08
C PRO A 174 43.05 10.81 -12.69
N PRO A 175 44.20 10.66 -13.34
CA PRO A 175 44.55 9.36 -13.93
C PRO A 175 44.55 8.27 -12.88
N THR A 176 43.81 7.20 -13.16
CA THR A 176 43.59 6.13 -12.19
C THR A 176 44.12 4.82 -12.74
N ARG A 177 45.10 4.23 -12.05
CA ARG A 177 45.51 2.87 -12.36
C ARG A 177 44.40 1.90 -11.96
N VAL A 178 44.02 1.03 -12.89
CA VAL A 178 42.95 0.07 -12.66
C VAL A 178 43.35 -1.27 -13.25
N ALA A 179 42.61 -2.29 -12.85
CA ALA A 179 42.70 -3.62 -13.43
C ALA A 179 41.39 -3.91 -14.14
N MET A 180 41.46 -4.31 -15.40
CA MET A 180 40.27 -4.41 -16.23
C MET A 180 40.24 -5.69 -17.04
N LEU A 181 39.02 -6.12 -17.35
CA LEU A 181 38.75 -7.21 -18.27
C LEU A 181 37.97 -6.66 -19.45
N THR A 182 38.46 -6.94 -20.66
CA THR A 182 37.82 -6.48 -21.88
C THR A 182 36.91 -7.57 -22.43
N HIS A 183 35.67 -7.20 -22.71
CA HIS A 183 34.71 -8.07 -23.38
C HIS A 183 34.61 -7.66 -24.83
N LEU A 184 34.80 -8.63 -25.72
CA LEU A 184 34.65 -8.46 -27.17
C LEU A 184 33.69 -9.55 -27.65
N GLY A 185 32.44 -9.15 -27.91
CA GLY A 185 31.45 -10.11 -28.37
C GLY A 185 30.07 -9.52 -28.27
N HIS A 186 29.07 -10.40 -28.12
CA HIS A 186 27.68 -9.95 -28.06
C HIS A 186 27.46 -9.07 -26.84
N PRO A 187 26.63 -8.02 -26.97
CA PRO A 187 26.38 -7.14 -25.82
C PRO A 187 25.79 -7.84 -24.60
N ASP A 188 25.07 -8.94 -24.79
CA ASP A 188 24.45 -9.62 -23.66
C ASP A 188 25.48 -10.40 -22.85
N LYS A 189 26.30 -11.20 -23.54
CA LYS A 189 27.38 -11.95 -22.89
C LYS A 189 28.24 -11.08 -21.98
N VAL A 190 28.21 -9.76 -22.16
CA VAL A 190 28.95 -8.84 -21.29
C VAL A 190 28.67 -9.15 -19.83
N ASN A 191 27.40 -9.33 -19.47
CA ASN A 191 27.07 -9.64 -18.08
C ASN A 191 27.89 -10.82 -17.59
N ALA A 192 27.91 -11.90 -18.37
CA ALA A 192 28.73 -13.06 -18.04
C ALA A 192 30.17 -12.66 -17.73
N SER A 193 30.78 -11.90 -18.64
CA SER A 193 32.16 -11.46 -18.43
C SER A 193 32.29 -10.66 -17.15
N ALA A 194 31.29 -9.80 -16.86
CA ALA A 194 31.31 -9.06 -15.61
C ALA A 194 31.43 -9.99 -14.43
N ALA A 195 30.68 -11.10 -14.44
CA ALA A 195 30.77 -12.09 -13.38
C ALA A 195 32.22 -12.54 -13.20
N LYS A 196 32.91 -12.83 -14.30
CA LYS A 196 34.32 -13.20 -14.22
C LYS A 196 35.08 -12.21 -13.36
N PHE A 197 34.94 -10.91 -13.68
CA PHE A 197 35.62 -9.88 -12.90
C PHE A 197 35.28 -10.00 -11.42
N ILE A 198 33.98 -10.09 -11.11
CA ILE A 198 33.56 -10.23 -9.71
C ILE A 198 34.25 -11.43 -9.09
N ALA A 199 34.26 -12.57 -9.80
CA ALA A 199 34.93 -13.76 -9.30
C ALA A 199 36.39 -13.46 -8.98
N TRP A 200 37.06 -12.77 -9.91
CA TRP A 200 38.46 -12.41 -9.69
C TRP A 200 38.62 -11.62 -8.40
N ARG A 201 37.69 -10.71 -8.12
CA ARG A 201 37.81 -9.90 -6.91
C ARG A 201 37.71 -10.75 -5.66
N ARG A 202 36.91 -11.81 -5.69
CA ARG A 202 36.86 -12.67 -4.51
C ARG A 202 38.10 -13.54 -4.41
N GLU A 203 38.72 -13.86 -5.54
CA GLU A 203 39.73 -14.92 -5.55
C GLU A 203 41.13 -14.38 -5.28
N THR A 204 41.51 -13.27 -5.92
CA THR A 204 42.85 -12.73 -5.76
C THR A 204 43.03 -11.93 -4.47
N GLY A 205 41.96 -11.66 -3.74
CA GLY A 205 42.06 -10.78 -2.59
C GLY A 205 42.24 -9.33 -2.94
N GLN A 206 42.36 -8.98 -4.21
CA GLN A 206 42.33 -7.59 -4.62
C GLN A 206 40.96 -7.01 -4.27
N SER A 207 40.95 -5.84 -3.64
CA SER A 207 39.72 -5.27 -3.09
C SER A 207 39.39 -3.95 -3.79
N PRO A 208 38.91 -4.00 -5.03
CA PRO A 208 38.19 -2.83 -5.57
C PRO A 208 36.92 -2.51 -4.81
N ILE A 209 36.52 -3.37 -3.86
CA ILE A 209 35.26 -3.17 -3.14
C ILE A 209 35.33 -1.96 -2.22
N ALA A 210 36.46 -1.76 -1.56
CA ALA A 210 36.63 -0.67 -0.62
C ALA A 210 37.92 0.07 -0.91
N SER A 211 37.93 1.37 -0.59
CA SER A 211 39.04 2.27 -0.88
C SER A 211 39.52 2.14 -2.32
N SER A 212 38.58 1.86 -3.22
CA SER A 212 38.86 1.73 -4.64
C SER A 212 37.54 1.93 -5.38
N GLN A 213 37.64 2.12 -6.69
CA GLN A 213 36.47 2.44 -7.49
C GLN A 213 36.28 1.38 -8.57
N THR A 214 35.09 1.37 -9.16
CA THR A 214 34.72 0.40 -10.18
C THR A 214 34.12 1.14 -11.37
N PHE A 215 34.79 1.06 -12.51
CA PHE A 215 34.38 1.78 -13.72
C PHE A 215 34.04 0.80 -14.83
N GLY A 216 33.29 1.33 -15.79
CA GLY A 216 32.99 0.65 -17.04
C GLY A 216 33.29 1.54 -18.22
N ILE A 217 34.30 1.17 -19.00
CA ILE A 217 34.65 1.88 -20.23
C ILE A 217 33.74 1.36 -21.33
N ALA A 218 32.83 2.22 -21.79
CA ALA A 218 31.86 1.89 -22.83
C ALA A 218 32.40 2.42 -24.15
N TRP A 219 33.17 1.58 -24.84
CA TRP A 219 33.79 1.99 -26.09
C TRP A 219 32.73 2.29 -27.16
N HIS A 220 31.69 1.47 -27.23
CA HIS A 220 30.75 1.52 -28.33
C HIS A 220 29.32 1.53 -27.80
N ASP A 221 28.40 1.92 -28.68
CA ASP A 221 26.97 1.81 -28.39
C ASP A 221 26.47 0.51 -29.00
N PRO A 222 25.85 -0.38 -28.23
CA PRO A 222 25.59 -1.73 -28.74
C PRO A 222 24.65 -1.79 -29.93
N GLN A 223 23.66 -0.87 -30.01
CA GLN A 223 22.73 -0.90 -31.14
C GLN A 223 23.41 -0.46 -32.43
N THR A 224 24.16 0.63 -32.38
CA THR A 224 24.77 1.18 -33.59
C THR A 224 25.98 0.37 -34.05
N THR A 225 26.74 -0.20 -33.11
CA THR A 225 28.00 -0.89 -33.37
C THR A 225 27.75 -2.38 -33.61
N PRO A 226 28.40 -2.96 -34.63
CA PRO A 226 28.29 -4.41 -34.87
C PRO A 226 28.69 -5.20 -33.65
N PRO A 227 27.83 -6.11 -33.18
CA PRO A 227 28.14 -6.87 -31.96
C PRO A 227 29.35 -7.78 -32.10
N ALA A 228 29.93 -7.91 -33.29
CA ALA A 228 31.18 -8.65 -33.42
C ALA A 228 32.36 -7.85 -32.90
N GLN A 229 32.26 -6.52 -32.89
CA GLN A 229 33.33 -5.64 -32.45
C GLN A 229 33.08 -5.02 -31.08
N PHE A 230 31.90 -5.21 -30.51
CA PHE A 230 31.55 -4.51 -29.28
C PHE A 230 32.59 -4.75 -28.20
N ARG A 231 33.14 -3.67 -27.68
CA ARG A 231 34.16 -3.71 -26.64
C ARG A 231 33.64 -3.03 -25.39
N PHE A 232 33.74 -3.71 -24.26
CA PHE A 232 33.38 -3.11 -22.98
C PHE A 232 34.42 -3.50 -21.94
N ASP A 233 34.97 -2.52 -21.23
CA ASP A 233 36.02 -2.79 -20.26
C ASP A 233 35.47 -2.64 -18.85
N ILE A 234 35.44 -3.73 -18.09
CA ILE A 234 35.03 -3.71 -16.69
C ILE A 234 36.31 -3.58 -15.87
N CYS A 235 36.48 -2.46 -15.16
CA CYS A 235 37.71 -2.20 -14.44
C CYS A 235 37.44 -1.82 -13.00
N GLY A 236 38.42 -2.09 -12.16
CA GLY A 236 38.37 -1.70 -10.76
C GLY A 236 39.67 -1.06 -10.35
N SER A 237 39.57 -0.01 -9.54
CA SER A 237 40.75 0.76 -9.16
C SER A 237 41.68 -0.06 -8.27
N VAL A 238 42.98 0.08 -8.52
CA VAL A 238 44.01 -0.59 -7.74
C VAL A 238 45.05 0.43 -7.30
N ARG A 239 45.64 0.19 -6.14
CA ARG A 239 46.69 1.07 -5.63
C ARG A 239 48.07 0.69 -6.15
N GLN A 240 48.26 -0.55 -6.55
CA GLN A 240 49.50 -1.05 -7.13
C GLN A 240 49.15 -2.06 -8.20
N PRO A 241 50.07 -2.32 -9.16
CA PRO A 241 49.80 -3.36 -10.16
C PRO A 241 49.43 -4.70 -9.54
N ILE A 242 48.74 -5.54 -10.31
CA ILE A 242 48.13 -6.74 -9.77
C ILE A 242 48.88 -8.00 -10.21
N ALA A 243 50.10 -7.86 -10.70
CA ALA A 243 50.87 -8.96 -11.28
C ALA A 243 50.09 -9.51 -12.49
N GLU A 244 50.21 -10.79 -12.76
CA GLU A 244 49.57 -11.40 -13.92
C GLU A 244 48.69 -12.56 -13.48
N ASN A 245 47.69 -12.85 -14.30
CA ASN A 245 46.66 -13.80 -13.94
C ASN A 245 46.06 -14.38 -15.21
N ASP A 246 45.71 -15.67 -15.18
CA ASP A 246 45.23 -16.38 -16.35
C ASP A 246 43.78 -16.09 -16.70
N VAL A 247 43.05 -15.34 -15.88
CA VAL A 247 41.64 -15.07 -16.17
C VAL A 247 41.48 -14.08 -17.31
N GLY A 248 42.49 -13.27 -17.58
CA GLY A 248 42.43 -12.26 -18.61
C GLY A 248 42.45 -10.84 -18.11
N VAL A 249 42.32 -10.63 -16.80
CA VAL A 249 42.39 -9.28 -16.24
C VAL A 249 43.80 -8.74 -16.41
N VAL A 250 43.92 -7.52 -16.95
CA VAL A 250 45.21 -6.89 -17.17
C VAL A 250 45.19 -5.49 -16.58
N ASN A 251 46.39 -4.95 -16.36
CA ASN A 251 46.54 -3.60 -15.84
C ASN A 251 46.29 -2.58 -16.96
N SER A 252 45.66 -1.47 -16.60
CA SER A 252 45.54 -0.33 -17.50
C SER A 252 45.30 0.91 -16.66
N GLU A 253 45.01 2.02 -17.33
CA GLU A 253 44.87 3.30 -16.67
C GLU A 253 43.77 4.09 -17.36
N ILE A 254 43.04 4.86 -16.57
CA ILE A 254 42.08 5.84 -17.09
C ILE A 254 42.77 7.21 -17.05
N PRO A 255 43.07 7.81 -18.19
CA PRO A 255 43.77 9.10 -18.19
C PRO A 255 42.92 10.21 -17.57
N GLY A 256 43.61 11.23 -17.05
CA GLY A 256 42.96 12.36 -16.44
C GLY A 256 42.91 13.57 -17.36
N GLY A 257 42.29 14.64 -16.85
CA GLY A 257 42.13 15.90 -17.55
C GLY A 257 40.66 16.33 -17.56
N ARG A 258 40.36 17.28 -18.45
CA ARG A 258 38.99 17.76 -18.57
C ARG A 258 38.05 16.62 -18.90
N CYS A 259 36.86 16.66 -18.31
CA CYS A 259 35.91 15.57 -18.48
C CYS A 259 34.54 16.05 -18.02
N ALA A 260 33.54 15.82 -18.86
CA ALA A 260 32.16 16.17 -18.54
C ALA A 260 31.52 15.08 -17.71
N VAL A 261 30.83 15.47 -16.65
CA VAL A 261 30.19 14.54 -15.72
C VAL A 261 28.69 14.81 -15.71
N VAL A 262 27.90 13.74 -15.87
CA VAL A 262 26.46 13.82 -15.68
C VAL A 262 26.04 12.70 -14.72
N ARG A 263 25.19 13.05 -13.76
CA ARG A 263 24.73 12.09 -12.75
C ARG A 263 23.47 11.40 -13.25
N HIS A 264 23.55 10.09 -13.42
CA HIS A 264 22.41 9.28 -13.86
C HIS A 264 21.89 8.47 -12.69
N GLN A 265 20.57 8.44 -12.54
CA GLN A 265 19.88 7.83 -11.40
C GLN A 265 19.00 6.70 -11.93
N GLY A 266 19.45 5.46 -11.74
CA GLY A 266 18.57 4.34 -12.03
C GLY A 266 19.21 3.13 -12.68
N SER A 267 18.53 2.61 -13.70
CA SER A 267 18.87 1.32 -14.28
C SER A 267 20.07 1.41 -15.21
N LEU A 268 20.83 0.30 -15.28
CA LEU A 268 21.89 0.20 -16.27
C LEU A 268 21.32 0.19 -17.69
N ASP A 269 20.07 -0.25 -17.85
CA ASP A 269 19.41 -0.14 -19.14
C ASP A 269 19.07 1.30 -19.49
N SER A 270 19.04 2.18 -18.50
CA SER A 270 18.65 3.58 -18.69
C SER A 270 19.83 4.49 -19.04
N LEU A 271 21.06 4.01 -18.90
CA LEU A 271 22.25 4.83 -19.11
C LEU A 271 22.44 5.27 -20.56
N PRO A 272 22.25 4.40 -21.57
CA PRO A 272 22.43 4.85 -22.96
C PRO A 272 21.61 6.07 -23.33
N GLU A 273 20.41 6.24 -22.76
CA GLU A 273 19.61 7.43 -23.07
C GLU A 273 20.25 8.68 -22.50
N SER A 274 20.80 8.61 -21.28
CA SER A 274 21.48 9.78 -20.73
C SER A 274 22.81 10.05 -21.43
N VAL A 275 23.44 9.01 -21.98
CA VAL A 275 24.62 9.22 -22.83
C VAL A 275 24.23 9.98 -24.09
N TRP A 276 23.12 9.56 -24.72
CA TRP A 276 22.57 10.30 -25.85
C TRP A 276 22.24 11.74 -25.45
N TYR A 277 21.74 11.93 -24.24
CA TYR A 277 21.48 13.29 -23.73
C TYR A 277 22.76 14.11 -23.71
N LEU A 278 23.81 13.57 -23.11
CA LEU A 278 25.11 14.25 -23.10
C LEU A 278 25.51 14.66 -24.52
N PHE A 279 25.48 13.71 -25.46
CA PHE A 279 25.93 14.01 -26.81
C PHE A 279 25.06 15.06 -27.50
N ARG A 280 23.74 15.00 -27.30
CA ARG A 280 22.85 15.92 -28.01
C ARG A 280 22.93 17.33 -27.43
N GLU A 281 23.06 17.44 -26.12
CA GLU A 281 22.89 18.75 -25.47
C GLU A 281 24.19 19.41 -25.07
N TRP A 282 25.16 18.67 -24.50
CA TRP A 282 26.35 19.31 -23.95
C TRP A 282 27.37 19.65 -25.03
N LEU A 283 27.54 18.77 -26.02
CA LEU A 283 28.61 18.96 -27.00
C LEU A 283 28.40 20.20 -27.85
N PRO A 284 27.23 20.45 -28.46
CA PRO A 284 27.07 21.70 -29.21
C PRO A 284 27.17 22.94 -28.33
N ALA A 285 26.55 22.92 -27.15
CA ALA A 285 26.50 24.13 -26.33
C ALA A 285 27.85 24.46 -25.72
N SER A 286 28.60 23.45 -25.28
CA SER A 286 29.84 23.73 -24.57
C SER A 286 30.93 24.22 -25.52
N GLY A 287 30.92 23.77 -26.76
CA GLY A 287 32.00 24.06 -27.67
C GLY A 287 33.32 23.41 -27.34
N GLU A 288 33.38 22.56 -26.31
CA GLU A 288 34.59 21.84 -25.98
C GLU A 288 34.75 20.62 -26.87
N THR A 289 35.98 20.13 -26.97
CA THR A 289 36.32 19.04 -27.87
C THR A 289 36.66 17.79 -27.08
N PRO A 290 36.05 16.64 -27.38
CA PRO A 290 36.40 15.40 -26.69
C PRO A 290 37.79 14.93 -27.06
N ARG A 291 38.42 14.22 -26.12
CA ARG A 291 39.75 13.66 -26.35
C ARG A 291 39.65 12.17 -26.67
N ASP A 292 40.80 11.54 -26.87
CA ASP A 292 40.87 10.19 -27.44
C ASP A 292 40.78 9.12 -26.36
N PHE A 293 39.63 9.08 -25.69
CA PHE A 293 39.34 8.01 -24.75
C PHE A 293 37.85 7.77 -24.79
N PRO A 294 37.39 6.52 -24.66
CA PRO A 294 35.96 6.24 -24.68
C PRO A 294 35.23 6.80 -23.47
N VAL A 295 33.91 6.89 -23.60
CA VAL A 295 33.07 7.26 -22.48
C VAL A 295 33.25 6.23 -21.36
N PHE A 296 33.16 6.69 -20.11
CA PHE A 296 33.26 5.73 -19.02
C PHE A 296 32.34 6.11 -17.87
N PHE A 297 31.77 5.09 -17.23
CA PHE A 297 30.89 5.28 -16.09
C PHE A 297 31.59 4.84 -14.81
N GLN A 298 31.35 5.59 -13.74
CA GLN A 298 31.80 5.22 -12.40
C GLN A 298 30.56 4.92 -11.56
N TYR A 299 30.48 3.69 -11.05
CA TYR A 299 29.35 3.26 -10.23
C TYR A 299 29.68 3.54 -8.76
N LEU A 300 29.19 4.66 -8.25
CA LEU A 300 29.37 4.95 -6.82
C LEU A 300 28.55 3.99 -5.97
N ASN A 301 27.34 3.66 -6.41
CA ASN A 301 26.51 2.63 -5.79
C ASN A 301 26.56 1.39 -6.68
N PHE A 302 27.08 0.29 -6.13
CA PHE A 302 27.17 -0.93 -6.92
C PHE A 302 25.77 -1.47 -7.20
N VAL A 303 25.70 -2.38 -8.18
CA VAL A 303 24.46 -2.81 -8.82
C VAL A 303 23.43 -3.32 -7.81
N HIS A 304 23.54 -4.59 -7.41
CA HIS A 304 22.44 -5.25 -6.72
C HIS A 304 22.40 -5.01 -5.22
N GLU A 305 23.42 -4.40 -4.62
CA GLU A 305 23.37 -4.18 -3.18
C GLU A 305 22.25 -3.22 -2.79
N VAL A 306 21.91 -2.27 -3.66
CA VAL A 306 20.77 -1.38 -3.47
C VAL A 306 19.87 -1.55 -4.71
N ALA A 307 18.66 -1.01 -4.64
CA ALA A 307 17.66 -1.21 -5.67
C ALA A 307 17.99 -0.43 -6.95
N GLU A 308 17.35 -0.84 -8.05
CA GLU A 308 17.53 -0.15 -9.32
C GLU A 308 17.05 1.29 -9.24
N HIS A 309 15.99 1.54 -8.48
CA HIS A 309 15.44 2.89 -8.39
C HIS A 309 16.35 3.84 -7.62
N GLU A 310 17.25 3.31 -6.78
CA GLU A 310 18.19 4.14 -6.03
C GLU A 310 19.61 4.03 -6.56
N LEU A 311 19.82 3.34 -7.67
CA LEU A 311 21.16 3.17 -8.22
C LEU A 311 21.70 4.52 -8.72
N LEU A 312 22.98 4.76 -8.46
CA LEU A 312 23.64 6.00 -8.82
C LEU A 312 24.86 5.69 -9.68
N THR A 313 24.91 6.30 -10.87
CA THR A 313 26.04 6.15 -11.76
C THR A 313 26.47 7.53 -12.25
N ASP A 314 27.76 7.70 -12.48
CA ASP A 314 28.29 8.94 -13.03
C ASP A 314 28.86 8.68 -14.41
N ILE A 315 28.26 9.31 -15.42
CA ILE A 315 28.76 9.22 -16.79
C ILE A 315 29.82 10.29 -17.00
N TYR A 316 30.92 9.88 -17.64
CA TYR A 316 32.11 10.71 -17.82
C TYR A 316 32.46 10.71 -19.29
N LEU A 317 32.46 11.90 -19.90
CA LEU A 317 32.85 12.11 -21.27
C LEU A 317 34.24 12.73 -21.31
N PRO A 318 35.24 12.05 -21.87
CA PRO A 318 36.59 12.63 -21.91
C PRO A 318 36.62 13.87 -22.78
N LEU A 319 37.25 14.92 -22.27
CA LEU A 319 37.27 16.22 -22.92
C LEU A 319 38.71 16.72 -23.00
N ARG A 320 39.09 17.25 -24.15
CA ARG A 320 40.47 17.69 -24.35
C ARG A 320 40.62 19.17 -24.00
N ALA B 31 -3.21 -6.36 26.96
CA ALA B 31 -2.23 -5.27 26.93
C ALA B 31 -2.52 -4.25 28.01
N SER B 32 -1.60 -3.30 28.20
CA SER B 32 -1.76 -2.31 29.26
C SER B 32 -2.88 -1.32 28.93
N MET B 33 -2.76 -0.63 27.80
CA MET B 33 -3.72 0.41 27.42
C MET B 33 -5.15 -0.10 27.43
N ASN B 34 -5.37 -1.27 26.81
CA ASN B 34 -6.72 -1.80 26.70
C ASN B 34 -7.31 -2.07 28.08
N ASP B 35 -6.50 -2.64 28.98
CA ASP B 35 -6.96 -2.89 30.34
C ASP B 35 -7.25 -1.59 31.07
N LEU B 36 -6.41 -0.56 30.85
CA LEU B 36 -6.64 0.75 31.48
C LEU B 36 -7.99 1.31 31.08
N ILE B 37 -8.26 1.36 29.77
CA ILE B 37 -9.48 1.98 29.28
C ILE B 37 -10.70 1.14 29.69
N SER B 38 -10.57 -0.19 29.67
CA SER B 38 -11.67 -1.05 30.10
C SER B 38 -11.95 -0.92 31.59
N ALA B 39 -10.93 -0.68 32.40
CA ALA B 39 -11.14 -0.45 33.83
C ALA B 39 -11.87 0.86 34.05
N ALA B 40 -11.47 1.91 33.34
CA ALA B 40 -12.21 3.17 33.41
C ALA B 40 -13.67 2.96 33.00
N TYR B 41 -13.89 2.17 31.95
CA TYR B 41 -15.24 1.83 31.51
C TYR B 41 -16.03 1.14 32.63
N SER B 42 -15.42 0.14 33.27
CA SER B 42 -16.11 -0.61 34.30
C SER B 42 -16.41 0.26 35.52
N GLU B 43 -15.54 1.22 35.83
CA GLU B 43 -15.82 2.07 36.98
C GLU B 43 -16.84 3.15 36.66
N ARG B 44 -16.91 3.59 35.40
CA ARG B 44 -18.06 4.39 34.99
C ARG B 44 -19.35 3.62 35.23
N LEU B 45 -19.34 2.33 34.87
CA LEU B 45 -20.51 1.49 35.11
C LEU B 45 -20.82 1.37 36.61
N ARG B 46 -19.77 1.24 37.44
CA ARG B 46 -19.96 1.16 38.88
C ARG B 46 -20.56 2.46 39.44
N ARG B 47 -20.10 3.61 38.94
CA ARG B 47 -20.68 4.88 39.36
C ARG B 47 -22.14 4.97 38.95
N VAL B 48 -22.48 4.49 37.75
CA VAL B 48 -23.88 4.52 37.31
C VAL B 48 -24.73 3.63 38.20
N CYS B 49 -24.26 2.42 38.51
CA CYS B 49 -25.03 1.53 39.37
C CYS B 49 -25.18 2.10 40.77
N ASP B 50 -24.13 2.76 41.28
CA ASP B 50 -24.23 3.36 42.60
C ASP B 50 -25.20 4.54 42.62
N HIS B 51 -25.30 5.28 41.52
CA HIS B 51 -26.29 6.35 41.47
C HIS B 51 -27.71 5.80 41.36
N ILE B 52 -27.87 4.69 40.63
CA ILE B 52 -29.17 4.01 40.64
C ILE B 52 -29.52 3.58 42.07
N GLU B 53 -28.54 3.07 42.80
CA GLU B 53 -28.76 2.71 44.21
C GLU B 53 -29.09 3.93 45.06
N ARG B 54 -28.52 5.10 44.72
CA ARG B 54 -28.84 6.32 45.45
C ARG B 54 -30.29 6.73 45.23
N HIS B 55 -30.77 6.63 43.98
CA HIS B 55 -32.10 7.10 43.63
C HIS B 55 -33.06 5.95 43.34
N LEU B 56 -32.83 4.81 44.00
CA LEU B 56 -33.86 3.77 44.06
C LEU B 56 -35.10 4.35 44.74
N ASP B 57 -36.28 3.98 44.22
CA ASP B 57 -37.56 4.56 44.62
C ASP B 57 -37.70 6.02 44.23
N GLU B 58 -36.71 6.57 43.51
CA GLU B 58 -36.72 7.90 42.94
C GLU B 58 -36.66 7.78 41.42
N PRO B 59 -37.18 8.76 40.67
CA PRO B 59 -37.27 8.60 39.22
C PRO B 59 -35.91 8.38 38.57
N LEU B 60 -35.89 7.43 37.62
CA LEU B 60 -34.68 7.07 36.87
C LEU B 60 -35.01 7.23 35.39
N SER B 61 -34.52 8.31 34.78
CA SER B 61 -34.75 8.57 33.37
C SER B 61 -33.63 7.97 32.53
N ILE B 62 -34.00 7.46 31.36
CA ILE B 62 -33.04 6.73 30.54
C ILE B 62 -31.96 7.66 29.99
N GLU B 63 -32.32 8.90 29.67
CA GLU B 63 -31.35 9.82 29.08
C GLU B 63 -30.23 10.16 30.07
N ALA B 64 -30.60 10.47 31.31
CA ALA B 64 -29.59 10.83 32.31
C ALA B 64 -28.72 9.63 32.65
N LEU B 65 -29.32 8.46 32.84
CA LEU B 65 -28.55 7.26 33.12
C LEU B 65 -27.62 6.91 31.98
N SER B 66 -28.03 7.19 30.74
CA SER B 66 -27.13 7.01 29.60
C SER B 66 -26.03 8.07 29.60
N ARG B 67 -26.33 9.27 30.08
CA ARG B 67 -25.34 10.34 30.13
C ARG B 67 -24.24 10.03 31.13
N MET B 68 -24.60 9.42 32.27
CA MET B 68 -23.61 9.16 33.32
C MET B 68 -22.48 8.27 32.83
N ALA B 69 -22.76 7.37 31.90
CA ALA B 69 -21.72 6.51 31.33
C ALA B 69 -21.08 7.12 30.08
N HIS B 70 -21.49 8.32 29.68
CA HIS B 70 -21.08 8.92 28.41
C HIS B 70 -21.30 7.94 27.26
N SER B 71 -22.59 7.79 26.91
CA SER B 71 -23.01 6.84 25.89
C SER B 71 -24.43 7.19 25.46
N SER B 72 -24.85 6.58 24.34
CA SER B 72 -26.17 6.81 23.77
C SER B 72 -27.21 5.91 24.44
N PRO B 73 -28.46 6.40 24.56
CA PRO B 73 -29.47 5.64 25.31
C PRO B 73 -29.65 4.20 24.82
N PHE B 74 -29.81 4.04 23.50
CA PHE B 74 -29.95 2.71 22.89
C PHE B 74 -28.85 1.78 23.38
N HIS B 75 -27.61 2.19 23.11
CA HIS B 75 -26.48 1.32 23.36
C HIS B 75 -26.21 1.17 24.85
N PHE B 76 -26.50 2.19 25.67
CA PHE B 76 -26.37 1.99 27.11
C PHE B 76 -27.32 0.92 27.62
N HIS B 77 -28.59 1.00 27.21
CA HIS B 77 -29.55 0.01 27.66
C HIS B 77 -29.17 -1.39 27.20
N ARG B 78 -28.44 -1.50 26.09
CA ARG B 78 -27.94 -2.84 25.75
C ARG B 78 -26.64 -3.20 26.48
N GLN B 79 -25.77 -2.23 26.80
CA GLN B 79 -24.47 -2.53 27.41
C GLN B 79 -24.60 -2.97 28.85
N PHE B 80 -25.51 -2.33 29.60
CA PHE B 80 -25.67 -2.68 31.01
C PHE B 80 -25.90 -4.18 31.15
N THR B 81 -26.62 -4.77 30.21
CA THR B 81 -26.85 -6.20 30.20
C THR B 81 -25.56 -6.96 29.92
N THR B 82 -24.72 -6.47 28.99
CA THR B 82 -23.50 -7.18 28.65
C THR B 82 -22.52 -7.22 29.81
N TRP B 83 -22.48 -6.16 30.62
CA TRP B 83 -21.49 -6.14 31.69
C TRP B 83 -22.01 -6.72 33.00
N SER B 84 -23.29 -6.52 33.32
CA SER B 84 -23.86 -7.05 34.55
C SER B 84 -24.36 -8.48 34.39
N GLY B 85 -24.89 -8.83 33.23
CA GLY B 85 -25.50 -10.12 33.00
C GLY B 85 -27.01 -10.10 33.00
N LEU B 86 -27.62 -9.04 33.51
CA LEU B 86 -29.07 -8.93 33.60
C LEU B 86 -29.52 -7.59 33.03
N PRO B 87 -30.72 -7.52 32.45
CA PRO B 87 -31.21 -6.26 31.89
C PRO B 87 -31.43 -5.21 32.98
N LEU B 88 -31.73 -4.00 32.52
CA LEU B 88 -31.82 -2.86 33.43
C LEU B 88 -32.99 -2.99 34.39
N TYR B 89 -34.17 -3.35 33.86
CA TYR B 89 -35.34 -3.47 34.72
C TYR B 89 -35.15 -4.56 35.75
N ARG B 90 -34.38 -5.60 35.42
CA ARG B 90 -34.10 -6.67 36.38
C ARG B 90 -33.25 -6.16 37.54
N TYR B 91 -32.17 -5.43 37.24
CA TYR B 91 -31.32 -4.90 38.31
C TYR B 91 -32.10 -3.94 39.19
N ILE B 92 -32.80 -2.97 38.59
CA ILE B 92 -33.55 -2.01 39.39
C ILE B 92 -34.63 -2.71 40.22
N GLN B 93 -35.32 -3.69 39.64
CA GLN B 93 -36.41 -4.34 40.34
C GLN B 93 -35.90 -5.22 41.47
N TRP B 94 -34.82 -5.97 41.25
CA TRP B 94 -34.30 -6.81 42.32
C TRP B 94 -33.72 -5.96 43.44
N LEU B 95 -33.09 -4.83 43.11
CA LEU B 95 -32.59 -3.92 44.14
C LEU B 95 -33.74 -3.30 44.92
N ARG B 96 -34.80 -2.89 44.22
CA ARG B 96 -35.99 -2.38 44.87
C ARG B 96 -36.59 -3.43 45.80
N LEU B 97 -36.56 -4.69 45.36
CA LEU B 97 -37.08 -5.78 46.18
C LEU B 97 -36.22 -6.03 47.41
N ARG B 98 -34.90 -5.92 47.26
CA ARG B 98 -34.01 -6.01 48.42
C ARG B 98 -34.34 -4.94 49.45
N ARG B 99 -34.42 -3.68 48.99
CA ARG B 99 -34.67 -2.59 49.93
C ARG B 99 -36.07 -2.71 50.54
N ALA B 100 -37.04 -3.18 49.76
CA ALA B 100 -38.38 -3.40 50.28
C ALA B 100 -38.42 -4.54 51.29
N SER B 101 -37.63 -5.59 51.07
CA SER B 101 -37.59 -6.70 52.02
C SER B 101 -36.91 -6.29 53.32
N TRP B 102 -35.87 -5.47 53.23
CA TRP B 102 -35.33 -4.84 54.45
C TRP B 102 -36.42 -4.07 55.17
N ARG B 103 -36.98 -3.06 54.48
CA ARG B 103 -38.00 -2.21 55.08
C ARG B 103 -39.15 -3.02 55.65
N LEU B 104 -39.42 -4.19 55.09
CA LEU B 104 -40.48 -5.06 55.56
C LEU B 104 -40.07 -5.81 56.81
N ALA B 105 -38.86 -6.37 56.83
CA ALA B 105 -38.45 -7.20 57.95
C ALA B 105 -38.10 -6.37 59.19
N PHE B 106 -37.56 -5.16 58.99
CA PHE B 106 -37.02 -4.38 60.09
C PHE B 106 -37.82 -3.12 60.41
N ASN B 107 -38.75 -2.71 59.56
CA ASN B 107 -39.62 -1.56 59.81
C ASN B 107 -41.06 -2.05 59.82
N PRO B 108 -41.46 -2.80 60.86
CA PRO B 108 -42.76 -3.49 60.81
C PRO B 108 -43.96 -2.56 60.91
N GLN B 109 -43.80 -1.40 61.54
CA GLN B 109 -44.92 -0.47 61.70
C GLN B 109 -45.26 0.27 60.42
N ASP B 110 -44.46 0.14 59.37
CA ASP B 110 -44.78 0.77 58.09
C ASP B 110 -45.72 -0.14 57.29
N LYS B 111 -46.79 0.44 56.77
CA LYS B 111 -47.80 -0.33 56.04
C LYS B 111 -47.19 -1.01 54.83
N VAL B 112 -47.61 -2.25 54.58
CA VAL B 112 -47.17 -2.96 53.38
C VAL B 112 -47.63 -2.23 52.13
N ILE B 113 -48.72 -1.47 52.23
CA ILE B 113 -49.22 -0.72 51.09
C ILE B 113 -48.21 0.32 50.64
N ASP B 114 -47.68 1.10 51.58
CA ASP B 114 -46.68 2.11 51.23
C ASP B 114 -45.41 1.47 50.69
N ILE B 115 -44.98 0.36 51.30
CA ILE B 115 -43.80 -0.36 50.84
C ILE B 115 -43.97 -0.80 49.39
N ALA B 116 -45.14 -1.35 49.08
CA ALA B 116 -45.40 -1.84 47.71
C ALA B 116 -45.51 -0.69 46.72
N LEU B 117 -46.15 0.41 47.12
CA LEU B 117 -46.28 1.55 46.21
C LEU B 117 -44.92 2.16 45.90
N ASP B 118 -44.05 2.30 46.91
CA ASP B 118 -42.70 2.77 46.65
C ASP B 118 -41.87 1.73 45.92
N ALA B 119 -42.24 0.45 46.02
CA ALA B 119 -41.40 -0.64 45.52
C ALA B 119 -41.29 -0.65 44.00
N GLY B 120 -42.18 0.04 43.30
CA GLY B 120 -42.20 0.01 41.85
C GLY B 120 -43.23 -0.90 41.24
N PHE B 121 -44.25 -1.28 42.00
CA PHE B 121 -45.36 -2.08 41.50
C PHE B 121 -46.65 -1.32 41.74
N GLN B 122 -47.50 -1.26 40.72
CA GLN B 122 -48.68 -0.39 40.80
C GLN B 122 -49.73 -0.93 41.75
N ASN B 123 -49.85 -2.26 41.87
CA ASN B 123 -50.83 -2.85 42.76
C ASN B 123 -50.15 -3.74 43.79
N PRO B 124 -50.63 -3.76 45.04
CA PRO B 124 -49.94 -4.54 46.08
C PRO B 124 -49.90 -6.03 45.81
N GLU B 125 -50.85 -6.56 45.05
CA GLU B 125 -50.95 -8.00 44.86
C GLU B 125 -49.96 -8.50 43.82
N SER B 126 -49.84 -7.75 42.71
CA SER B 126 -48.76 -8.02 41.76
C SER B 126 -47.41 -7.98 42.45
N PHE B 127 -47.20 -7.01 43.34
CA PHE B 127 -45.95 -6.95 44.08
C PHE B 127 -45.79 -8.15 45.01
N THR B 128 -46.89 -8.61 45.63
CA THR B 128 -46.80 -9.77 46.50
C THR B 128 -46.32 -10.99 45.73
N ARG B 129 -46.92 -11.25 44.57
CA ARG B 129 -46.50 -12.41 43.79
C ARG B 129 -45.09 -12.24 43.24
N ALA B 130 -44.72 -11.02 42.84
CA ALA B 130 -43.35 -10.82 42.34
C ALA B 130 -42.32 -11.00 43.46
N PHE B 131 -42.64 -10.53 44.66
CA PHE B 131 -41.80 -10.73 45.83
C PHE B 131 -41.63 -12.21 46.13
N LYS B 132 -42.75 -12.95 46.12
CA LYS B 132 -42.69 -14.40 46.31
C LYS B 132 -41.79 -15.05 45.27
N THR B 133 -41.95 -14.67 44.00
CA THR B 133 -41.18 -15.30 42.93
C THR B 133 -39.70 -15.00 43.07
N ALA B 134 -39.36 -13.77 43.48
CA ALA B 134 -37.95 -13.38 43.53
C ALA B 134 -37.25 -14.01 44.73
N PHE B 135 -37.93 -14.06 45.88
CA PHE B 135 -37.27 -14.51 47.10
C PHE B 135 -37.72 -15.89 47.59
N GLY B 136 -38.95 -16.30 47.28
CA GLY B 136 -39.44 -17.60 47.72
C GLY B 136 -40.38 -17.57 48.89
N GLN B 137 -40.68 -16.39 49.44
CA GLN B 137 -41.58 -16.27 50.58
C GLN B 137 -42.57 -15.14 50.33
N SER B 138 -43.72 -15.23 51.00
CA SER B 138 -44.72 -14.17 50.96
C SER B 138 -44.34 -13.08 51.95
N PRO B 139 -44.87 -11.86 51.75
CA PRO B 139 -44.50 -10.75 52.65
C PRO B 139 -44.76 -11.04 54.12
N ARG B 140 -45.91 -11.63 54.46
CA ARG B 140 -46.20 -11.97 55.85
C ARG B 140 -45.21 -13.00 56.37
N ARG B 141 -44.98 -14.06 55.59
CA ARG B 141 -44.10 -15.15 56.00
C ARG B 141 -42.67 -14.67 56.15
N PHE B 142 -42.20 -13.84 55.21
CA PHE B 142 -40.84 -13.29 55.32
C PHE B 142 -40.73 -12.33 56.48
N ARG B 143 -41.77 -11.53 56.74
CA ARG B 143 -41.73 -10.59 57.85
C ARG B 143 -41.60 -11.31 59.18
N GLN B 144 -42.42 -12.34 59.40
CA GLN B 144 -42.36 -13.03 60.70
C GLN B 144 -41.09 -13.88 60.83
N SER B 145 -40.70 -14.59 59.77
CA SER B 145 -39.49 -15.41 59.79
C SER B 145 -38.77 -15.28 58.47
N PRO B 146 -37.76 -14.41 58.38
CA PRO B 146 -36.97 -14.31 57.15
C PRO B 146 -36.14 -15.57 56.94
N ASP B 147 -36.26 -16.15 55.74
CA ASP B 147 -35.42 -17.28 55.36
C ASP B 147 -34.21 -16.75 54.60
N TRP B 148 -33.27 -16.19 55.36
CA TRP B 148 -32.10 -15.56 54.75
C TRP B 148 -31.28 -16.55 53.94
N LEU B 149 -31.22 -17.81 54.39
CA LEU B 149 -30.55 -18.85 53.60
C LEU B 149 -31.25 -19.03 52.25
N ALA B 150 -32.57 -19.26 52.30
CA ALA B 150 -33.34 -19.35 51.06
C ALA B 150 -33.20 -18.09 50.22
N TRP B 151 -33.25 -16.92 50.86
CA TRP B 151 -33.15 -15.64 50.16
C TRP B 151 -31.85 -15.56 49.37
N HIS B 152 -30.72 -15.72 50.06
CA HIS B 152 -29.41 -15.59 49.43
C HIS B 152 -29.11 -16.72 48.45
N GLN B 153 -29.79 -17.86 48.58
CA GLN B 153 -29.67 -18.87 47.53
C GLN B 153 -30.57 -18.60 46.34
N ARG B 154 -31.66 -17.85 46.53
CA ARG B 154 -32.58 -17.54 45.43
C ARG B 154 -32.19 -16.31 44.63
N VAL B 155 -31.32 -15.45 45.15
CA VAL B 155 -30.91 -14.30 44.32
C VAL B 155 -30.00 -14.76 43.18
N PRO B 156 -28.75 -15.24 43.43
CA PRO B 156 -28.00 -15.57 42.22
C PRO B 156 -28.08 -17.06 41.86
N VAL B 165 -8.15 -25.48 34.09
CA VAL B 165 -8.31 -26.70 34.86
C VAL B 165 -9.36 -27.62 34.22
N MET B 166 -8.86 -28.74 33.66
CA MET B 166 -9.70 -29.67 32.92
C MET B 166 -9.15 -31.07 33.12
N ASP B 167 -10.05 -32.06 33.12
CA ASP B 167 -9.69 -33.44 33.43
C ASP B 167 -9.38 -34.22 32.16
N VAL B 168 -8.26 -34.93 32.17
CA VAL B 168 -7.83 -35.79 31.07
C VAL B 168 -7.69 -37.20 31.61
N LYS B 169 -8.17 -38.17 30.83
CA LYS B 169 -8.07 -39.57 31.23
C LYS B 169 -7.20 -40.34 30.24
N ILE B 170 -6.92 -41.58 30.61
CA ILE B 170 -6.19 -42.52 29.74
C ILE B 170 -7.16 -43.60 29.32
N VAL B 171 -6.99 -44.08 28.08
CA VAL B 171 -7.90 -45.05 27.50
C VAL B 171 -7.07 -45.97 26.61
N GLU B 172 -7.54 -47.22 26.47
CA GLU B 172 -6.97 -48.13 25.48
C GLU B 172 -7.94 -48.20 24.32
N PHE B 173 -7.60 -47.50 23.24
CA PHE B 173 -8.46 -47.38 22.09
C PHE B 173 -8.38 -48.65 21.23
N PRO B 174 -9.49 -49.32 20.97
CA PRO B 174 -9.45 -50.52 20.13
C PRO B 174 -9.31 -50.16 18.67
N PRO B 175 -8.45 -50.87 17.92
CA PRO B 175 -8.20 -50.51 16.52
C PRO B 175 -9.50 -50.46 15.72
N THR B 176 -9.62 -49.44 14.88
CA THR B 176 -10.88 -49.16 14.20
C THR B 176 -10.67 -49.13 12.69
N ARG B 177 -11.42 -49.99 11.98
CA ARG B 177 -11.50 -49.92 10.54
C ARG B 177 -12.32 -48.71 10.12
N VAL B 178 -11.77 -47.88 9.23
CA VAL B 178 -12.41 -46.63 8.84
C VAL B 178 -12.35 -46.47 7.33
N ALA B 179 -13.21 -45.58 6.83
CA ALA B 179 -13.16 -45.09 5.46
C ALA B 179 -12.92 -43.60 5.54
N MET B 180 -11.84 -43.13 4.90
CA MET B 180 -11.39 -41.76 5.07
C MET B 180 -11.14 -41.09 3.73
N LEU B 181 -11.27 -39.76 3.77
CA LEU B 181 -10.96 -38.85 2.67
C LEU B 181 -9.94 -37.85 3.20
N THR B 182 -8.80 -37.75 2.53
CA THR B 182 -7.73 -36.84 2.92
C THR B 182 -7.90 -35.51 2.20
N HIS B 183 -7.72 -34.41 2.95
CA HIS B 183 -7.81 -33.08 2.39
C HIS B 183 -6.52 -32.33 2.66
N LEU B 184 -5.99 -31.69 1.62
CA LEU B 184 -4.74 -30.93 1.68
C LEU B 184 -5.02 -29.51 1.23
N GLY B 185 -4.92 -28.56 2.15
CA GLY B 185 -5.16 -27.17 1.81
C GLY B 185 -5.40 -26.27 3.00
N HIS B 186 -6.47 -25.48 2.92
CA HIS B 186 -6.78 -24.43 3.88
C HIS B 186 -8.05 -24.74 4.66
N PRO B 187 -8.25 -24.11 5.82
CA PRO B 187 -9.40 -24.49 6.68
C PRO B 187 -10.76 -24.41 6.01
N ASP B 188 -11.07 -23.32 5.31
CA ASP B 188 -12.34 -23.23 4.60
C ASP B 188 -12.53 -24.42 3.66
N LYS B 189 -11.45 -24.81 2.99
CA LYS B 189 -11.52 -25.92 2.05
C LYS B 189 -11.72 -27.24 2.80
N VAL B 190 -11.21 -27.33 4.03
CA VAL B 190 -11.48 -28.49 4.88
C VAL B 190 -12.98 -28.57 5.20
N ASN B 191 -13.60 -27.43 5.51
CA ASN B 191 -15.05 -27.42 5.78
C ASN B 191 -15.83 -27.85 4.54
N ALA B 192 -15.44 -27.35 3.38
CA ALA B 192 -16.11 -27.75 2.13
C ALA B 192 -15.95 -29.24 1.86
N SER B 193 -14.75 -29.79 2.07
CA SER B 193 -14.57 -31.22 1.87
C SER B 193 -15.27 -32.05 2.94
N ALA B 194 -15.53 -31.48 4.11
CA ALA B 194 -16.38 -32.14 5.08
C ALA B 194 -17.81 -32.24 4.57
N ALA B 195 -18.29 -31.18 3.92
CA ALA B 195 -19.57 -31.28 3.22
C ALA B 195 -19.53 -32.36 2.15
N LYS B 196 -18.40 -32.46 1.44
CA LYS B 196 -18.23 -33.50 0.42
C LYS B 196 -18.34 -34.90 1.04
N PHE B 197 -17.66 -35.12 2.17
CA PHE B 197 -17.77 -36.38 2.90
C PHE B 197 -19.21 -36.65 3.35
N ILE B 198 -19.90 -35.59 3.79
CA ILE B 198 -21.30 -35.74 4.17
C ILE B 198 -22.11 -36.28 3.00
N ALA B 199 -21.90 -35.70 1.82
CA ALA B 199 -22.62 -36.18 0.63
C ALA B 199 -22.29 -37.63 0.32
N TRP B 200 -21.01 -38.01 0.40
CA TRP B 200 -20.65 -39.38 0.06
C TRP B 200 -21.24 -40.37 1.06
N ARG B 201 -21.22 -40.02 2.36
CA ARG B 201 -21.86 -40.87 3.36
C ARG B 201 -23.35 -41.00 3.11
N ARG B 202 -23.98 -39.91 2.62
CA ARG B 202 -25.39 -40.00 2.24
C ARG B 202 -25.57 -40.99 1.10
N GLU B 203 -24.65 -41.01 0.13
CA GLU B 203 -24.86 -41.84 -1.05
C GLU B 203 -24.59 -43.32 -0.80
N THR B 204 -23.56 -43.67 -0.03
CA THR B 204 -23.26 -45.09 0.15
C THR B 204 -23.69 -45.63 1.51
N GLY B 205 -24.01 -44.77 2.48
CA GLY B 205 -24.65 -45.22 3.69
C GLY B 205 -23.75 -45.70 4.81
N GLN B 206 -22.71 -44.94 5.13
CA GLN B 206 -21.99 -45.14 6.39
C GLN B 206 -22.76 -44.42 7.47
N SER B 207 -23.58 -45.16 8.20
CA SER B 207 -24.64 -44.59 9.02
C SER B 207 -24.09 -43.62 10.06
N PRO B 208 -24.45 -42.34 10.00
CA PRO B 208 -24.10 -41.43 11.11
C PRO B 208 -24.72 -41.83 12.43
N ILE B 209 -25.80 -42.61 12.42
CA ILE B 209 -26.55 -42.87 13.65
C ILE B 209 -25.87 -43.97 14.47
N ALA B 210 -25.45 -45.05 13.82
CA ALA B 210 -24.82 -46.17 14.52
C ALA B 210 -24.01 -46.97 13.51
N SER B 211 -23.30 -47.99 14.01
CA SER B 211 -22.45 -48.89 13.23
C SER B 211 -21.27 -48.14 12.60
N SER B 212 -21.25 -46.82 12.73
CA SER B 212 -20.15 -46.01 12.24
C SER B 212 -19.83 -44.93 13.27
N GLN B 213 -18.57 -44.49 13.28
CA GLN B 213 -18.10 -43.46 14.18
C GLN B 213 -17.36 -42.40 13.38
N THR B 214 -17.63 -41.14 13.67
CA THR B 214 -17.10 -40.02 12.91
C THR B 214 -15.82 -39.50 13.57
N PHE B 215 -14.71 -39.56 12.85
CA PHE B 215 -13.41 -39.14 13.35
C PHE B 215 -12.77 -38.13 12.41
N GLY B 216 -11.89 -37.32 12.98
CA GLY B 216 -11.08 -36.36 12.24
C GLY B 216 -9.62 -36.42 12.62
N ILE B 217 -8.79 -36.96 11.74
CA ILE B 217 -7.37 -37.12 11.98
C ILE B 217 -6.69 -35.79 11.68
N ALA B 218 -6.20 -35.12 12.73
CA ALA B 218 -5.56 -33.81 12.59
C ALA B 218 -4.06 -34.04 12.41
N TRP B 219 -3.69 -34.38 11.18
CA TRP B 219 -2.30 -34.68 10.85
C TRP B 219 -1.37 -33.54 11.27
N HIS B 220 -1.76 -32.30 10.96
CA HIS B 220 -0.95 -31.13 11.26
C HIS B 220 -1.79 -30.12 11.99
N ASP B 221 -1.12 -29.26 12.75
CA ASP B 221 -1.82 -28.13 13.36
C ASP B 221 -2.03 -27.04 12.31
N PRO B 222 -3.26 -26.58 12.10
CA PRO B 222 -3.50 -25.65 10.98
C PRO B 222 -2.85 -24.29 11.14
N GLN B 223 -2.80 -23.76 12.37
CA GLN B 223 -2.33 -22.39 12.56
C GLN B 223 -0.81 -22.28 12.43
N THR B 224 -0.07 -23.25 12.96
CA THR B 224 1.38 -23.15 13.02
C THR B 224 2.08 -23.68 11.77
N THR B 225 1.51 -24.69 11.12
CA THR B 225 2.08 -25.30 9.92
C THR B 225 1.59 -24.58 8.67
N PRO B 226 2.49 -24.33 7.71
CA PRO B 226 2.10 -23.65 6.47
C PRO B 226 0.85 -24.26 5.86
N PRO B 227 -0.14 -23.44 5.51
CA PRO B 227 -1.40 -23.98 4.98
C PRO B 227 -1.27 -24.56 3.58
N ALA B 228 -0.04 -24.66 3.07
CA ALA B 228 0.17 -25.29 1.77
C ALA B 228 0.20 -26.81 1.88
N GLN B 229 0.79 -27.34 2.96
CA GLN B 229 0.97 -28.78 3.13
C GLN B 229 0.14 -29.36 4.27
N PHE B 230 -0.70 -28.57 4.92
CA PHE B 230 -1.47 -29.05 6.07
C PHE B 230 -2.49 -30.08 5.61
N ARG B 231 -2.61 -31.16 6.38
CA ARG B 231 -3.43 -32.32 6.03
C ARG B 231 -4.47 -32.59 7.11
N PHE B 232 -5.69 -32.93 6.67
CA PHE B 232 -6.76 -33.29 7.59
C PHE B 232 -7.52 -34.47 6.99
N ASP B 233 -7.71 -35.53 7.77
CA ASP B 233 -8.33 -36.76 7.28
C ASP B 233 -9.71 -36.90 7.91
N ILE B 234 -10.76 -36.82 7.09
CA ILE B 234 -12.13 -37.01 7.58
C ILE B 234 -12.50 -38.47 7.38
N CYS B 235 -12.81 -39.18 8.46
CA CYS B 235 -13.03 -40.62 8.37
C CYS B 235 -14.27 -41.03 9.15
N GLY B 236 -14.81 -42.18 8.76
CA GLY B 236 -15.95 -42.78 9.43
C GLY B 236 -15.79 -44.28 9.58
N SER B 237 -16.13 -44.81 10.76
CA SER B 237 -15.96 -46.24 11.00
C SER B 237 -16.86 -47.05 10.07
N VAL B 238 -16.40 -48.26 9.73
CA VAL B 238 -17.10 -49.16 8.84
C VAL B 238 -17.02 -50.57 9.38
N ARG B 239 -18.13 -51.31 9.28
CA ARG B 239 -18.15 -52.72 9.65
C ARG B 239 -17.63 -53.61 8.53
N GLN B 240 -17.81 -53.19 7.29
CA GLN B 240 -17.37 -53.90 6.10
C GLN B 240 -16.63 -52.92 5.20
N PRO B 241 -15.76 -53.42 4.32
CA PRO B 241 -15.16 -52.53 3.31
C PRO B 241 -16.23 -51.85 2.47
N ILE B 242 -15.85 -50.72 1.87
CA ILE B 242 -16.80 -49.82 1.24
C ILE B 242 -16.81 -49.96 -0.29
N ALA B 243 -16.29 -51.07 -0.81
CA ALA B 243 -16.11 -51.28 -2.26
C ALA B 243 -15.21 -50.14 -2.76
N GLU B 244 -15.50 -49.54 -3.92
CA GLU B 244 -14.71 -48.45 -4.44
C GLU B 244 -15.62 -47.38 -5.01
N ASN B 245 -15.17 -46.12 -4.92
CA ASN B 245 -15.91 -44.99 -5.47
C ASN B 245 -14.92 -43.98 -6.00
N ASP B 246 -15.36 -43.20 -6.99
CA ASP B 246 -14.49 -42.24 -7.67
C ASP B 246 -14.20 -41.00 -6.82
N VAL B 247 -14.83 -40.85 -5.66
CA VAL B 247 -14.67 -39.66 -4.85
C VAL B 247 -13.28 -39.57 -4.21
N GLY B 248 -12.61 -40.69 -4.02
CA GLY B 248 -11.29 -40.71 -3.41
C GLY B 248 -11.24 -41.17 -1.98
N VAL B 249 -12.31 -41.72 -1.44
CA VAL B 249 -12.34 -42.25 -0.08
C VAL B 249 -11.84 -43.69 -0.10
N VAL B 250 -10.93 -44.01 0.83
CA VAL B 250 -10.32 -45.33 0.87
C VAL B 250 -10.39 -45.90 2.28
N ASN B 251 -10.16 -47.21 2.38
CA ASN B 251 -10.11 -47.88 3.67
C ASN B 251 -8.80 -47.58 4.38
N SER B 252 -8.88 -47.47 5.71
CA SER B 252 -7.71 -47.21 6.53
C SER B 252 -7.98 -47.72 7.94
N GLU B 253 -6.99 -47.54 8.81
CA GLU B 253 -7.09 -47.99 10.19
C GLU B 253 -6.69 -46.86 11.12
N ILE B 254 -7.42 -46.72 12.22
CA ILE B 254 -6.95 -45.97 13.38
C ILE B 254 -6.41 -46.99 14.38
N PRO B 255 -5.09 -47.07 14.57
CA PRO B 255 -4.53 -48.12 15.42
C PRO B 255 -5.01 -48.00 16.86
N GLY B 256 -4.98 -49.15 17.55
CA GLY B 256 -5.34 -49.20 18.95
C GLY B 256 -4.13 -49.04 19.85
N GLY B 257 -4.38 -49.16 21.15
CA GLY B 257 -3.35 -49.02 22.15
C GLY B 257 -3.63 -47.84 23.06
N ARG B 258 -2.61 -47.46 23.83
CA ARG B 258 -2.77 -46.37 24.78
C ARG B 258 -3.12 -45.09 24.05
N CYS B 259 -3.91 -44.24 24.72
CA CYS B 259 -4.43 -43.04 24.08
C CYS B 259 -5.00 -42.10 25.15
N ALA B 260 -4.54 -40.85 25.17
CA ALA B 260 -5.00 -39.88 26.15
C ALA B 260 -6.24 -39.16 25.62
N VAL B 261 -7.27 -39.05 26.46
CA VAL B 261 -8.57 -38.54 26.04
C VAL B 261 -8.93 -37.32 26.86
N VAL B 262 -9.35 -36.25 26.17
CA VAL B 262 -9.88 -35.06 26.84
C VAL B 262 -11.15 -34.63 26.12
N ARG B 263 -12.17 -34.25 26.90
CA ARG B 263 -13.48 -33.93 26.36
C ARG B 263 -13.65 -32.42 26.27
N HIS B 264 -14.03 -31.93 25.09
CA HIS B 264 -14.18 -30.50 24.86
C HIS B 264 -15.62 -30.19 24.46
N GLN B 265 -16.22 -29.25 25.18
CA GLN B 265 -17.61 -28.82 24.96
C GLN B 265 -17.58 -27.42 24.37
N GLY B 266 -17.77 -27.32 23.05
CA GLY B 266 -17.76 -26.01 22.42
C GLY B 266 -17.70 -26.11 20.91
N SER B 267 -17.11 -25.09 20.30
CA SER B 267 -17.07 -24.98 18.85
C SER B 267 -15.99 -25.87 18.26
N LEU B 268 -16.26 -26.38 17.06
CA LEU B 268 -15.25 -27.17 16.34
C LEU B 268 -14.03 -26.31 16.01
N ASP B 269 -14.22 -25.01 15.80
CA ASP B 269 -13.09 -24.13 15.52
C ASP B 269 -12.26 -23.83 16.77
N SER B 270 -12.89 -23.81 17.95
CA SER B 270 -12.18 -23.57 19.20
C SER B 270 -11.51 -24.83 19.74
N LEU B 271 -11.59 -25.95 19.02
CA LEU B 271 -11.01 -27.20 19.52
C LEU B 271 -9.49 -27.16 19.59
N PRO B 272 -8.75 -26.67 18.58
CA PRO B 272 -7.29 -26.69 18.67
C PRO B 272 -6.72 -26.01 19.91
N GLU B 273 -7.41 -25.01 20.46
CA GLU B 273 -6.91 -24.36 21.67
C GLU B 273 -7.01 -25.29 22.87
N SER B 274 -8.07 -26.10 22.93
CA SER B 274 -8.15 -27.15 23.95
C SER B 274 -7.10 -28.23 23.71
N VAL B 275 -6.82 -28.53 22.44
CA VAL B 275 -5.72 -29.44 22.12
C VAL B 275 -4.41 -28.92 22.71
N TRP B 276 -4.18 -27.61 22.57
CA TRP B 276 -3.01 -27.00 23.17
C TRP B 276 -2.98 -27.19 24.68
N TYR B 277 -4.06 -26.79 25.37
CA TYR B 277 -4.13 -27.03 26.81
C TYR B 277 -3.73 -28.45 27.15
N LEU B 278 -4.30 -29.42 26.42
CA LEU B 278 -3.96 -30.82 26.65
C LEU B 278 -2.46 -31.04 26.56
N PHE B 279 -1.84 -30.56 25.48
CA PHE B 279 -0.39 -30.76 25.35
C PHE B 279 0.37 -30.13 26.50
N ARG B 280 0.22 -28.80 26.67
CA ARG B 280 0.98 -28.05 27.66
C ARG B 280 0.87 -28.67 29.05
N GLU B 281 -0.34 -29.06 29.47
CA GLU B 281 -0.53 -29.50 30.85
C GLU B 281 -0.39 -31.01 31.04
N TRP B 282 -0.54 -31.82 29.98
CA TRP B 282 -0.48 -33.25 30.14
C TRP B 282 0.91 -33.81 29.85
N LEU B 283 1.53 -33.39 28.76
CA LEU B 283 2.76 -34.06 28.33
C LEU B 283 3.88 -33.93 29.34
N PRO B 284 4.17 -32.75 29.92
CA PRO B 284 5.20 -32.72 30.97
C PRO B 284 4.85 -33.57 32.19
N ALA B 285 3.63 -33.42 32.72
CA ALA B 285 3.29 -34.04 34.00
C ALA B 285 3.17 -35.55 33.88
N SER B 286 2.65 -36.04 32.75
CA SER B 286 2.35 -37.46 32.62
C SER B 286 3.62 -38.30 32.58
N GLY B 287 4.58 -37.92 31.76
CA GLY B 287 5.76 -38.74 31.57
C GLY B 287 5.59 -39.87 30.59
N GLU B 288 4.52 -39.87 29.80
CA GLU B 288 4.28 -40.91 28.81
C GLU B 288 4.66 -40.40 27.42
N THR B 289 5.17 -41.32 26.59
CA THR B 289 5.74 -41.04 25.29
C THR B 289 4.69 -41.23 24.20
N PRO B 290 4.58 -40.30 23.24
CA PRO B 290 3.64 -40.49 22.13
C PRO B 290 4.08 -41.61 21.20
N ARG B 291 3.15 -42.02 20.33
CA ARG B 291 3.37 -43.04 19.30
C ARG B 291 3.17 -42.44 17.92
N ASP B 292 3.46 -43.25 16.90
CA ASP B 292 3.52 -42.79 15.52
C ASP B 292 2.12 -42.71 14.88
N PHE B 293 1.25 -41.91 15.50
CA PHE B 293 -0.04 -41.65 14.89
C PHE B 293 -0.49 -40.24 15.24
N PRO B 294 -1.07 -39.52 14.28
CA PRO B 294 -1.48 -38.13 14.53
C PRO B 294 -2.55 -38.05 15.61
N VAL B 295 -2.66 -36.86 16.20
CA VAL B 295 -3.77 -36.58 17.09
C VAL B 295 -5.06 -36.74 16.29
N PHE B 296 -6.12 -37.22 16.94
CA PHE B 296 -7.37 -37.37 16.22
C PHE B 296 -8.55 -36.97 17.09
N PHE B 297 -9.69 -36.80 16.41
CA PHE B 297 -10.89 -36.21 16.98
C PHE B 297 -12.02 -37.21 16.84
N GLN B 298 -12.83 -37.34 17.88
CA GLN B 298 -14.06 -38.13 17.83
C GLN B 298 -15.22 -37.16 18.02
N TYR B 299 -15.97 -36.94 16.94
CA TYR B 299 -17.11 -36.02 16.96
C TYR B 299 -18.31 -36.76 17.54
N LEU B 300 -18.32 -36.87 18.88
CA LEU B 300 -19.43 -37.52 19.56
C LEU B 300 -20.74 -36.86 19.18
N ASN B 301 -20.81 -35.54 19.30
CA ASN B 301 -22.00 -34.77 18.90
C ASN B 301 -21.79 -34.30 17.47
N PHE B 302 -22.48 -34.95 16.53
CA PHE B 302 -22.41 -34.52 15.15
C PHE B 302 -23.20 -33.22 14.97
N VAL B 303 -23.03 -32.61 13.80
CA VAL B 303 -23.63 -31.29 13.58
C VAL B 303 -25.14 -31.43 13.37
N HIS B 304 -25.83 -30.28 13.50
CA HIS B 304 -27.27 -30.13 13.31
C HIS B 304 -28.09 -30.80 14.41
N GLU B 305 -27.82 -32.08 14.70
CA GLU B 305 -28.55 -32.77 15.76
C GLU B 305 -28.48 -32.00 17.07
N VAL B 306 -27.37 -31.31 17.32
CA VAL B 306 -27.22 -30.38 18.44
C VAL B 306 -26.55 -29.11 17.94
N ALA B 307 -26.68 -28.04 18.72
CA ALA B 307 -26.12 -26.75 18.38
C ALA B 307 -24.68 -26.64 18.90
N GLU B 308 -24.00 -25.58 18.45
CA GLU B 308 -22.57 -25.45 18.72
C GLU B 308 -22.27 -25.39 20.22
N HIS B 309 -23.08 -24.64 20.98
CA HIS B 309 -22.91 -24.60 22.42
C HIS B 309 -23.08 -25.99 23.04
N GLU B 310 -23.79 -26.89 22.36
CA GLU B 310 -24.00 -28.25 22.84
C GLU B 310 -23.03 -29.26 22.24
N LEU B 311 -22.44 -28.96 21.10
CA LEU B 311 -21.49 -29.87 20.46
C LEU B 311 -20.41 -30.32 21.43
N LEU B 312 -20.17 -31.63 21.45
CA LEU B 312 -19.16 -32.24 22.30
C LEU B 312 -18.25 -33.09 21.45
N THR B 313 -16.95 -33.00 21.70
CA THR B 313 -15.98 -33.76 20.90
C THR B 313 -14.83 -34.20 21.79
N ASP B 314 -14.39 -35.44 21.61
CA ASP B 314 -13.31 -36.00 22.42
C ASP B 314 -12.01 -36.01 21.62
N ILE B 315 -10.97 -35.40 22.18
CA ILE B 315 -9.65 -35.33 21.56
C ILE B 315 -8.80 -36.48 22.07
N TYR B 316 -8.10 -37.13 21.15
CA TYR B 316 -7.37 -38.36 21.40
C TYR B 316 -5.92 -38.17 20.97
N LEU B 317 -5.01 -38.35 21.92
CA LEU B 317 -3.57 -38.27 21.68
C LEU B 317 -2.99 -39.67 21.71
N PRO B 318 -2.51 -40.20 20.58
CA PRO B 318 -1.97 -41.57 20.55
C PRO B 318 -0.68 -41.66 21.34
N LEU B 319 -0.63 -42.59 22.29
CA LEU B 319 0.54 -42.82 23.12
C LEU B 319 1.06 -44.23 22.94
N ARG B 320 2.33 -44.41 23.27
CA ARG B 320 2.96 -45.72 23.24
C ARG B 320 2.95 -46.33 24.65
N ALA C 31 23.01 37.61 -27.60
CA ALA C 31 21.82 37.09 -28.27
C ALA C 31 21.96 35.61 -28.57
N SER C 32 21.84 34.78 -27.53
CA SER C 32 21.89 33.32 -27.65
C SER C 32 23.20 32.87 -28.30
N MET C 33 24.31 33.21 -27.63
CA MET C 33 25.62 32.96 -28.21
C MET C 33 25.94 31.46 -28.18
N ASN C 34 25.45 30.77 -27.16
CA ASN C 34 25.49 29.32 -27.12
C ASN C 34 24.92 28.73 -28.40
N ASP C 35 23.88 29.37 -28.95
CA ASP C 35 23.31 28.91 -30.20
C ASP C 35 24.31 29.06 -31.34
N LEU C 36 25.13 30.11 -31.31
CA LEU C 36 26.17 30.26 -32.31
C LEU C 36 27.18 29.14 -32.23
N ILE C 37 27.59 28.78 -31.01
CA ILE C 37 28.52 27.66 -30.86
C ILE C 37 27.90 26.38 -31.41
N SER C 38 26.63 26.12 -31.09
CA SER C 38 25.97 24.91 -31.56
C SER C 38 25.82 24.91 -33.09
N ALA C 39 25.55 26.08 -33.68
CA ALA C 39 25.40 26.17 -35.12
C ALA C 39 26.73 25.92 -35.83
N ALA C 40 27.82 26.43 -35.27
CA ALA C 40 29.13 26.12 -35.83
C ALA C 40 29.41 24.62 -35.76
N TYR C 41 29.07 23.99 -34.63
CA TYR C 41 29.15 22.53 -34.49
C TYR C 41 28.40 21.81 -35.63
N SER C 42 27.14 22.19 -35.82
CA SER C 42 26.31 21.50 -36.81
C SER C 42 26.82 21.73 -38.23
N GLU C 43 27.33 22.93 -38.51
CA GLU C 43 27.84 23.18 -39.86
C GLU C 43 29.15 22.43 -40.10
N ARG C 44 29.98 22.29 -39.05
CA ARG C 44 31.12 21.39 -39.11
C ARG C 44 30.68 20.01 -39.58
N LEU C 45 29.67 19.45 -38.90
CA LEU C 45 29.23 18.10 -39.25
C LEU C 45 28.65 18.04 -40.66
N ARG C 46 28.00 19.12 -41.11
CA ARG C 46 27.46 19.09 -42.47
C ARG C 46 28.57 19.13 -43.51
N ARG C 47 29.64 19.90 -43.25
CA ARG C 47 30.82 19.84 -44.11
C ARG C 47 31.37 18.43 -44.17
N VAL C 48 31.40 17.75 -43.03
CA VAL C 48 31.86 16.36 -43.02
C VAL C 48 30.96 15.48 -43.88
N CYS C 49 29.65 15.71 -43.82
CA CYS C 49 28.71 14.94 -44.65
C CYS C 49 28.97 15.19 -46.13
N ASP C 50 29.23 16.44 -46.50
CA ASP C 50 29.56 16.75 -47.89
C ASP C 50 30.83 16.02 -48.32
N HIS C 51 31.84 15.99 -47.44
CA HIS C 51 33.06 15.25 -47.77
C HIS C 51 32.79 13.74 -47.88
N ILE C 52 31.81 13.23 -47.14
CA ILE C 52 31.43 11.84 -47.28
C ILE C 52 30.83 11.59 -48.66
N GLU C 53 29.90 12.45 -49.08
CA GLU C 53 29.38 12.35 -50.44
C GLU C 53 30.48 12.50 -51.48
N ARG C 54 31.54 13.24 -51.13
CA ARG C 54 32.67 13.41 -52.04
C ARG C 54 33.38 12.10 -52.32
N HIS C 55 33.90 11.46 -51.27
CA HIS C 55 34.80 10.33 -51.44
C HIS C 55 34.13 9.01 -51.03
N LEU C 56 32.94 8.75 -51.55
CA LEU C 56 32.31 7.46 -51.30
C LEU C 56 33.14 6.33 -51.91
N ASP C 57 33.70 6.56 -53.09
CA ASP C 57 34.50 5.57 -53.81
C ASP C 57 35.93 5.50 -53.32
N GLU C 58 36.27 6.22 -52.24
CA GLU C 58 37.59 6.16 -51.65
C GLU C 58 37.51 5.56 -50.26
N PRO C 59 38.53 4.81 -49.83
CA PRO C 59 38.49 4.16 -48.51
C PRO C 59 38.29 5.19 -47.40
N LEU C 60 37.20 5.02 -46.66
CA LEU C 60 36.78 6.01 -45.68
C LEU C 60 37.40 5.67 -44.33
N SER C 61 38.17 6.60 -43.78
CA SER C 61 38.84 6.43 -42.50
C SER C 61 38.22 7.37 -41.48
N ILE C 62 37.80 6.81 -40.34
CA ILE C 62 37.07 7.58 -39.35
C ILE C 62 37.95 8.65 -38.71
N GLU C 63 39.27 8.48 -38.72
CA GLU C 63 40.15 9.48 -38.11
C GLU C 63 40.13 10.78 -38.90
N ALA C 64 40.16 10.67 -40.23
CA ALA C 64 40.06 11.85 -41.08
C ALA C 64 38.77 12.62 -40.80
N LEU C 65 37.64 11.91 -40.78
CA LEU C 65 36.35 12.57 -40.55
C LEU C 65 36.28 13.18 -39.15
N SER C 66 36.89 12.51 -38.16
CA SER C 66 36.93 13.08 -36.82
C SER C 66 37.74 14.37 -36.79
N ARG C 67 38.84 14.41 -37.55
CA ARG C 67 39.62 15.63 -37.65
C ARG C 67 38.81 16.75 -38.32
N MET C 68 38.14 16.43 -39.44
CA MET C 68 37.35 17.45 -40.13
C MET C 68 36.24 18.01 -39.24
N ALA C 69 35.66 17.16 -38.40
CA ALA C 69 34.65 17.61 -37.45
C ALA C 69 35.23 18.22 -36.20
N HIS C 70 36.56 18.30 -36.09
CA HIS C 70 37.25 18.76 -34.89
C HIS C 70 36.73 18.04 -33.65
N SER C 71 36.88 16.71 -33.68
CA SER C 71 36.52 15.87 -32.54
C SER C 71 37.34 14.58 -32.62
N SER C 72 37.11 13.70 -31.64
CA SER C 72 37.95 12.54 -31.39
C SER C 72 37.38 11.29 -32.08
N PRO C 73 38.24 10.45 -32.66
CA PRO C 73 37.77 9.21 -33.29
C PRO C 73 37.06 8.28 -32.34
N PHE C 74 37.25 8.45 -31.03
CA PHE C 74 36.57 7.63 -30.03
C PHE C 74 35.15 8.09 -29.76
N HIS C 75 34.72 9.19 -30.37
CA HIS C 75 33.40 9.74 -30.14
C HIS C 75 32.67 10.20 -31.39
N PHE C 76 33.32 10.19 -32.56
CA PHE C 76 32.68 10.68 -33.78
C PHE C 76 31.53 9.78 -34.22
N HIS C 77 31.68 8.47 -34.04
CA HIS C 77 30.65 7.55 -34.51
C HIS C 77 29.35 7.79 -33.74
N ARG C 78 29.44 7.80 -32.41
CA ARG C 78 28.30 8.16 -31.58
C ARG C 78 27.83 9.58 -31.86
N GLN C 79 28.75 10.49 -32.18
CA GLN C 79 28.37 11.89 -32.48
C GLN C 79 27.47 11.96 -33.70
N PHE C 80 27.90 11.35 -34.80
CA PHE C 80 27.12 11.37 -36.03
C PHE C 80 25.78 10.67 -35.83
N THR C 81 25.78 9.55 -35.08
CA THR C 81 24.51 8.89 -34.82
C THR C 81 23.57 9.78 -34.01
N THR C 82 24.12 10.53 -33.03
CA THR C 82 23.30 11.44 -32.23
C THR C 82 22.74 12.56 -33.10
N TRP C 83 23.61 13.20 -33.88
CA TRP C 83 23.23 14.40 -34.61
C TRP C 83 22.31 14.07 -35.78
N SER C 84 22.79 13.26 -36.73
CA SER C 84 21.99 12.93 -37.90
C SER C 84 20.76 12.09 -37.53
N GLY C 85 20.95 11.07 -36.70
CA GLY C 85 19.89 10.16 -36.35
C GLY C 85 20.07 8.74 -36.86
N LEU C 86 21.16 8.48 -37.59
CA LEU C 86 21.46 7.17 -38.13
C LEU C 86 22.96 6.96 -38.09
N PRO C 87 23.43 5.72 -38.00
CA PRO C 87 24.87 5.47 -37.95
C PRO C 87 25.54 5.72 -39.30
N LEU C 88 26.85 5.95 -39.25
CA LEU C 88 27.63 6.17 -40.47
C LEU C 88 27.48 5.01 -41.44
N TYR C 89 27.43 3.78 -40.91
CA TYR C 89 27.08 2.61 -41.70
C TYR C 89 25.87 2.89 -42.60
N ARG C 90 24.75 3.23 -41.96
CA ARG C 90 23.51 3.44 -42.70
C ARG C 90 23.55 4.68 -43.57
N TYR C 91 24.27 5.73 -43.14
CA TYR C 91 24.31 6.94 -43.96
C TYR C 91 25.06 6.70 -45.27
N ILE C 92 26.25 6.10 -45.18
CA ILE C 92 26.99 5.80 -46.40
C ILE C 92 26.23 4.77 -47.23
N GLN C 93 25.55 3.82 -46.57
CA GLN C 93 24.72 2.86 -47.30
C GLN C 93 23.66 3.58 -48.12
N TRP C 94 22.87 4.44 -47.50
CA TRP C 94 21.77 5.07 -48.21
C TRP C 94 22.26 6.09 -49.23
N LEU C 95 23.41 6.74 -48.97
CA LEU C 95 23.98 7.64 -49.95
C LEU C 95 24.39 6.88 -51.21
N ARG C 96 25.06 5.72 -51.04
CA ARG C 96 25.40 4.91 -52.20
C ARG C 96 24.15 4.37 -52.88
N LEU C 97 23.09 4.08 -52.10
CA LEU C 97 21.84 3.60 -52.70
C LEU C 97 21.18 4.68 -53.55
N ARG C 98 21.17 5.93 -53.08
CA ARG C 98 20.56 7.00 -53.85
C ARG C 98 21.39 7.31 -55.09
N ARG C 99 22.72 7.23 -54.98
CA ARG C 99 23.55 7.41 -56.17
C ARG C 99 23.30 6.30 -57.18
N ALA C 100 23.13 5.07 -56.70
CA ALA C 100 22.78 3.96 -57.60
C ALA C 100 21.39 4.15 -58.18
N SER C 101 20.49 4.78 -57.45
CA SER C 101 19.17 5.10 -57.99
C SER C 101 19.27 6.05 -59.16
N TRP C 102 20.04 7.13 -59.00
CA TRP C 102 20.32 8.00 -60.14
C TRP C 102 20.91 7.20 -61.30
N ARG C 103 21.93 6.38 -61.02
CA ARG C 103 22.59 5.65 -62.09
C ARG C 103 21.66 4.65 -62.77
N LEU C 104 20.61 4.19 -62.06
CA LEU C 104 19.65 3.27 -62.63
C LEU C 104 18.64 3.99 -63.52
N ALA C 105 18.06 5.08 -63.01
CA ALA C 105 16.97 5.72 -63.73
C ALA C 105 17.46 6.54 -64.92
N PHE C 106 18.53 7.30 -64.75
CA PHE C 106 18.94 8.30 -65.73
C PHE C 106 20.10 7.85 -66.60
N ASN C 107 20.78 6.75 -66.24
CA ASN C 107 21.96 6.28 -66.95
C ASN C 107 21.68 4.86 -67.44
N PRO C 108 20.76 4.70 -68.39
CA PRO C 108 20.27 3.35 -68.72
C PRO C 108 21.28 2.47 -69.43
N GLN C 109 22.32 3.06 -70.03
CA GLN C 109 23.30 2.28 -70.78
C GLN C 109 24.27 1.53 -69.88
N ASP C 110 24.39 1.93 -68.61
CA ASP C 110 25.22 1.19 -67.66
C ASP C 110 24.50 -0.08 -67.24
N LYS C 111 25.18 -1.22 -67.39
CA LYS C 111 24.57 -2.50 -67.09
C LYS C 111 24.53 -2.71 -65.57
N VAL C 112 23.57 -3.53 -65.13
CA VAL C 112 23.22 -3.57 -63.71
C VAL C 112 24.32 -4.25 -62.90
N ILE C 113 25.11 -5.13 -63.52
CA ILE C 113 26.27 -5.69 -62.83
C ILE C 113 27.25 -4.58 -62.46
N ASP C 114 27.51 -3.68 -63.41
CA ASP C 114 28.40 -2.55 -63.15
C ASP C 114 27.82 -1.64 -62.07
N ILE C 115 26.51 -1.36 -62.14
CA ILE C 115 25.89 -0.47 -61.18
C ILE C 115 25.94 -1.07 -59.78
N ALA C 116 25.76 -2.39 -59.68
CA ALA C 116 25.77 -3.04 -58.38
C ALA C 116 27.18 -3.13 -57.81
N LEU C 117 28.17 -3.41 -58.67
CA LEU C 117 29.55 -3.49 -58.19
C LEU C 117 30.05 -2.13 -57.74
N ASP C 118 29.83 -1.10 -58.55
CA ASP C 118 30.25 0.25 -58.18
C ASP C 118 29.49 0.77 -56.97
N ALA C 119 28.33 0.18 -56.65
CA ALA C 119 27.55 0.61 -55.49
C ALA C 119 28.09 0.06 -54.18
N GLY C 120 29.08 -0.83 -54.23
CA GLY C 120 29.68 -1.39 -53.04
C GLY C 120 29.15 -2.72 -52.59
N PHE C 121 28.30 -3.37 -53.39
CA PHE C 121 27.73 -4.67 -53.04
C PHE C 121 28.43 -5.76 -53.83
N GLN C 122 28.86 -6.82 -53.14
CA GLN C 122 29.69 -7.85 -53.77
C GLN C 122 28.87 -8.78 -54.66
N ASN C 123 27.59 -8.96 -54.37
CA ASN C 123 26.77 -9.90 -55.11
C ASN C 123 25.57 -9.20 -55.71
N PRO C 124 25.24 -9.45 -56.98
CA PRO C 124 24.03 -8.84 -57.56
C PRO C 124 22.78 -9.16 -56.77
N GLU C 125 22.69 -10.36 -56.21
CA GLU C 125 21.56 -10.72 -55.36
C GLU C 125 21.53 -9.87 -54.09
N SER C 126 22.70 -9.65 -53.47
CA SER C 126 22.77 -8.81 -52.28
C SER C 126 22.27 -7.41 -52.58
N PHE C 127 22.72 -6.83 -53.70
CA PHE C 127 22.30 -5.48 -54.08
C PHE C 127 20.81 -5.43 -54.36
N THR C 128 20.29 -6.41 -55.11
CA THR C 128 18.87 -6.44 -55.42
C THR C 128 18.03 -6.54 -54.15
N ARG C 129 18.44 -7.39 -53.21
CA ARG C 129 17.70 -7.57 -51.96
C ARG C 129 17.71 -6.30 -51.13
N ALA C 130 18.89 -5.68 -50.96
CA ALA C 130 18.97 -4.46 -50.18
C ALA C 130 18.15 -3.34 -50.81
N PHE C 131 18.20 -3.22 -52.14
CA PHE C 131 17.43 -2.20 -52.83
C PHE C 131 15.93 -2.43 -52.66
N LYS C 132 15.49 -3.67 -52.84
CA LYS C 132 14.07 -3.98 -52.66
C LYS C 132 13.61 -3.65 -51.24
N THR C 133 14.42 -4.00 -50.24
CA THR C 133 14.01 -3.77 -48.87
C THR C 133 13.97 -2.28 -48.53
N ALA C 134 14.96 -1.52 -48.99
CA ALA C 134 15.05 -0.13 -48.58
C ALA C 134 14.16 0.79 -49.40
N PHE C 135 13.86 0.44 -50.64
CA PHE C 135 13.19 1.34 -51.57
C PHE C 135 11.74 0.96 -51.84
N GLY C 136 11.42 -0.33 -51.90
CA GLY C 136 10.07 -0.77 -52.20
C GLY C 136 9.85 -1.21 -53.63
N GLN C 137 10.85 -1.09 -54.50
CA GLN C 137 10.76 -1.53 -55.88
C GLN C 137 11.98 -2.35 -56.24
N SER C 138 11.82 -3.24 -57.22
CA SER C 138 12.95 -4.00 -57.71
C SER C 138 13.87 -3.08 -58.53
N PRO C 139 15.13 -3.47 -58.72
CA PRO C 139 16.01 -2.66 -59.58
C PRO C 139 15.44 -2.45 -60.98
N ARG C 140 14.98 -3.52 -61.62
CA ARG C 140 14.46 -3.39 -62.97
C ARG C 140 13.14 -2.62 -62.98
N ARG C 141 12.30 -2.81 -61.97
CA ARG C 141 11.05 -2.05 -61.91
C ARG C 141 11.31 -0.57 -61.65
N PHE C 142 12.36 -0.25 -60.89
CA PHE C 142 12.75 1.15 -60.75
C PHE C 142 13.29 1.72 -62.06
N ARG C 143 14.09 0.93 -62.79
CA ARG C 143 14.66 1.43 -64.04
C ARG C 143 13.59 1.66 -65.09
N GLN C 144 12.64 0.73 -65.22
CA GLN C 144 11.63 0.86 -66.28
C GLN C 144 10.67 2.00 -65.97
N SER C 145 10.08 2.02 -64.78
CA SER C 145 9.18 3.09 -64.36
C SER C 145 9.46 3.41 -62.89
N PRO C 146 10.21 4.47 -62.62
CA PRO C 146 10.50 4.84 -61.23
C PRO C 146 9.24 5.24 -60.48
N ASP C 147 9.00 4.58 -59.35
CA ASP C 147 7.89 4.94 -58.47
C ASP C 147 8.36 6.04 -57.51
N TRP C 148 8.47 7.25 -58.06
CA TRP C 148 9.05 8.36 -57.32
C TRP C 148 8.27 8.67 -56.05
N LEU C 149 6.94 8.63 -56.14
CA LEU C 149 6.09 8.85 -54.97
C LEU C 149 6.45 7.89 -53.86
N ALA C 150 6.52 6.59 -54.19
CA ALA C 150 6.84 5.57 -53.20
C ALA C 150 8.24 5.77 -52.62
N TRP C 151 9.22 6.09 -53.47
CA TRP C 151 10.58 6.30 -52.99
C TRP C 151 10.64 7.45 -51.98
N HIS C 152 10.05 8.60 -52.33
CA HIS C 152 10.12 9.76 -51.47
C HIS C 152 9.38 9.53 -50.16
N GLN C 153 8.25 8.81 -50.20
CA GLN C 153 7.59 8.47 -48.95
C GLN C 153 8.29 7.36 -48.18
N ARG C 154 9.17 6.60 -48.82
CA ARG C 154 9.85 5.48 -48.18
C ARG C 154 11.10 5.90 -47.43
N VAL C 155 11.84 6.89 -47.95
CA VAL C 155 13.07 7.32 -47.27
C VAL C 155 12.83 7.85 -45.86
N PRO C 156 11.83 8.71 -45.60
CA PRO C 156 11.74 9.29 -44.24
C PRO C 156 11.40 8.28 -43.14
N VAL C 165 -0.19 24.81 -28.99
CA VAL C 165 -0.39 23.65 -29.85
C VAL C 165 -1.03 22.49 -29.08
N MET C 166 -1.81 22.83 -28.05
CA MET C 166 -2.50 21.85 -27.22
C MET C 166 -4.00 22.06 -27.31
N ASP C 167 -4.74 20.99 -27.63
CA ASP C 167 -6.18 21.07 -27.70
C ASP C 167 -6.78 21.13 -26.30
N VAL C 168 -7.82 21.94 -26.14
CA VAL C 168 -8.51 22.11 -24.86
C VAL C 168 -10.00 21.86 -25.08
N LYS C 169 -10.61 21.09 -24.18
CA LYS C 169 -12.03 20.77 -24.24
C LYS C 169 -12.70 21.21 -22.94
N ILE C 170 -14.02 21.15 -22.92
CA ILE C 170 -14.80 21.55 -21.75
C ILE C 170 -15.83 20.45 -21.47
N VAL C 171 -15.85 19.95 -20.23
CA VAL C 171 -16.81 18.94 -19.82
C VAL C 171 -17.42 19.34 -18.48
N GLU C 172 -18.40 18.56 -18.04
CA GLU C 172 -18.94 18.65 -16.68
C GLU C 172 -18.45 17.41 -15.95
N PHE C 173 -17.45 17.59 -15.11
CA PHE C 173 -16.81 16.46 -14.43
C PHE C 173 -17.70 16.02 -13.27
N PRO C 174 -18.07 14.74 -13.19
CA PRO C 174 -19.04 14.31 -12.18
C PRO C 174 -18.40 14.26 -10.80
N PRO C 175 -19.17 14.56 -9.75
CA PRO C 175 -18.61 14.52 -8.39
C PRO C 175 -18.14 13.12 -8.04
N THR C 176 -16.93 13.03 -7.49
CA THR C 176 -16.31 11.73 -7.23
C THR C 176 -15.93 11.61 -5.76
N ARG C 177 -16.34 10.51 -5.13
CA ARG C 177 -15.84 10.14 -3.81
C ARG C 177 -14.51 9.43 -3.97
N VAL C 178 -13.50 9.87 -3.22
CA VAL C 178 -12.16 9.31 -3.34
C VAL C 178 -11.57 9.12 -1.94
N ALA C 179 -10.49 8.36 -1.89
CA ALA C 179 -9.66 8.24 -0.70
C ALA C 179 -8.31 8.86 -1.04
N MET C 180 -7.88 9.85 -0.26
CA MET C 180 -6.67 10.57 -0.59
C MET C 180 -5.72 10.64 0.59
N LEU C 181 -4.44 10.72 0.25
CA LEU C 181 -3.36 11.04 1.17
C LEU C 181 -2.80 12.39 0.76
N THR C 182 -2.80 13.35 1.68
CA THR C 182 -2.27 14.67 1.43
C THR C 182 -0.82 14.74 1.88
N HIS C 183 0.06 15.20 0.99
CA HIS C 183 1.48 15.37 1.30
C HIS C 183 1.78 16.86 1.34
N LEU C 184 2.29 17.33 2.48
CA LEU C 184 2.57 18.76 2.69
C LEU C 184 4.03 18.89 3.12
N GLY C 185 4.94 18.78 2.17
CA GLY C 185 6.34 18.92 2.46
C GLY C 185 7.15 19.33 1.26
N HIS C 186 8.32 18.74 1.13
CA HIS C 186 9.21 19.06 0.02
C HIS C 186 8.74 18.34 -1.23
N PRO C 187 8.73 19.02 -2.39
CA PRO C 187 8.38 18.33 -3.64
C PRO C 187 9.18 17.06 -3.88
N ASP C 188 10.43 17.02 -3.41
CA ASP C 188 11.31 15.88 -3.60
C ASP C 188 10.62 14.57 -3.22
N LYS C 189 9.93 14.57 -2.08
CA LYS C 189 9.34 13.36 -1.52
C LYS C 189 7.96 13.06 -2.07
N VAL C 190 7.46 13.84 -3.03
CA VAL C 190 6.08 13.66 -3.51
C VAL C 190 5.89 12.24 -4.00
N ASN C 191 6.74 11.79 -4.91
CA ASN C 191 6.65 10.42 -5.41
C ASN C 191 6.69 9.42 -4.26
N ALA C 192 7.54 9.68 -3.27
CA ALA C 192 7.62 8.80 -2.10
C ALA C 192 6.25 8.63 -1.45
N SER C 193 5.51 9.72 -1.28
CA SER C 193 4.19 9.63 -0.68
C SER C 193 3.24 8.80 -1.54
N ALA C 194 3.38 8.86 -2.87
CA ALA C 194 2.60 7.97 -3.73
C ALA C 194 2.88 6.51 -3.40
N ALA C 195 4.15 6.20 -3.13
CA ALA C 195 4.49 4.87 -2.62
C ALA C 195 3.66 4.54 -1.39
N LYS C 196 3.59 5.46 -0.44
CA LYS C 196 2.79 5.25 0.75
C LYS C 196 1.33 4.96 0.40
N PHE C 197 0.84 5.59 -0.67
CA PHE C 197 -0.51 5.28 -1.14
C PHE C 197 -0.57 3.89 -1.76
N ILE C 198 0.41 3.57 -2.60
CA ILE C 198 0.42 2.28 -3.30
C ILE C 198 0.36 1.14 -2.29
N ALA C 199 1.24 1.19 -1.27
CA ALA C 199 1.21 0.21 -0.20
C ALA C 199 -0.20 0.06 0.37
N TRP C 200 -0.84 1.19 0.68
CA TRP C 200 -2.21 1.17 1.18
C TRP C 200 -3.11 0.38 0.22
N ARG C 201 -3.01 0.69 -1.08
CA ARG C 201 -3.86 0.03 -2.06
C ARG C 201 -3.63 -1.48 -2.06
N ARG C 202 -2.43 -1.93 -1.73
CA ARG C 202 -2.15 -3.36 -1.72
C ARG C 202 -2.71 -4.03 -0.48
N GLU C 203 -2.85 -3.30 0.63
CA GLU C 203 -3.36 -3.90 1.85
C GLU C 203 -4.88 -3.84 1.90
N THR C 204 -5.45 -2.63 1.90
CA THR C 204 -6.88 -2.50 2.04
C THR C 204 -7.58 -2.96 0.77
N GLY C 205 -6.84 -3.09 -0.33
CA GLY C 205 -7.32 -3.67 -1.56
C GLY C 205 -8.42 -2.90 -2.24
N GLN C 206 -8.47 -1.58 -2.08
CA GLN C 206 -9.55 -0.76 -2.62
C GLN C 206 -9.17 -0.22 -3.98
N SER C 207 -10.03 -0.47 -4.97
CA SER C 207 -9.91 0.04 -6.33
C SER C 207 -8.50 -0.13 -6.86
N PRO C 208 -8.05 -1.36 -7.12
CA PRO C 208 -6.74 -1.55 -7.74
C PRO C 208 -6.83 -1.70 -9.24
N ILE C 209 -6.47 -0.65 -9.98
CA ILE C 209 -6.49 -0.63 -11.44
C ILE C 209 -7.91 -0.85 -11.96
N ALA C 210 -8.49 -2.03 -11.68
CA ALA C 210 -9.85 -2.31 -12.14
C ALA C 210 -10.86 -1.55 -11.29
N SER C 211 -11.89 -1.03 -11.96
CA SER C 211 -12.91 -0.20 -11.32
C SER C 211 -12.28 0.89 -10.48
N SER C 212 -11.21 1.49 -11.01
CA SER C 212 -10.41 2.44 -10.25
C SER C 212 -9.91 3.55 -11.16
N GLN C 213 -9.84 4.75 -10.60
CA GLN C 213 -9.28 5.93 -11.25
C GLN C 213 -8.39 6.64 -10.24
N THR C 214 -7.25 7.15 -10.71
CA THR C 214 -6.26 7.78 -9.85
C THR C 214 -6.09 9.24 -10.24
N PHE C 215 -6.17 10.11 -9.24
CA PHE C 215 -6.09 11.55 -9.45
C PHE C 215 -5.05 12.16 -8.54
N GLY C 216 -4.56 13.32 -8.96
CA GLY C 216 -3.68 14.14 -8.16
C GLY C 216 -4.16 15.58 -8.09
N ILE C 217 -4.60 15.99 -6.90
CA ILE C 217 -4.99 17.37 -6.65
C ILE C 217 -3.72 18.17 -6.39
N ALA C 218 -3.32 18.98 -7.37
CA ALA C 218 -2.15 19.85 -7.24
C ALA C 218 -2.65 21.21 -6.76
N TRP C 219 -2.79 21.34 -5.44
CA TRP C 219 -3.16 22.62 -4.85
C TRP C 219 -2.18 23.71 -5.24
N HIS C 220 -0.89 23.37 -5.27
CA HIS C 220 0.18 24.33 -5.46
C HIS C 220 1.05 23.88 -6.62
N ASP C 221 1.91 24.78 -7.09
CA ASP C 221 2.86 24.39 -8.11
C ASP C 221 4.28 24.49 -7.57
N PRO C 222 5.19 23.61 -8.01
CA PRO C 222 6.44 23.42 -7.25
C PRO C 222 7.36 24.64 -7.26
N GLN C 223 7.63 25.21 -8.42
CA GLN C 223 8.71 26.19 -8.54
C GLN C 223 8.38 27.50 -7.82
N THR C 224 7.16 28.00 -8.01
CA THR C 224 6.81 29.32 -7.47
C THR C 224 6.43 29.26 -6.00
N THR C 225 5.69 28.23 -5.59
CA THR C 225 5.23 28.17 -4.22
C THR C 225 6.38 27.81 -3.29
N PRO C 226 6.44 28.40 -2.10
CA PRO C 226 7.45 28.01 -1.12
C PRO C 226 7.39 26.52 -0.83
N PRO C 227 8.53 25.82 -0.93
CA PRO C 227 8.55 24.37 -0.67
C PRO C 227 7.99 24.01 0.70
N ALA C 228 8.02 24.96 1.63
CA ALA C 228 7.43 24.71 2.95
C ALA C 228 5.92 24.54 2.86
N GLN C 229 5.29 25.12 1.85
CA GLN C 229 3.83 25.17 1.75
C GLN C 229 3.25 24.17 0.76
N PHE C 230 4.08 23.51 -0.05
CA PHE C 230 3.59 22.66 -1.13
C PHE C 230 2.69 21.56 -0.57
N ARG C 231 1.54 21.36 -1.22
CA ARG C 231 0.60 20.31 -0.87
C ARG C 231 0.15 19.61 -2.14
N PHE C 232 0.22 18.28 -2.14
CA PHE C 232 -0.23 17.48 -3.27
C PHE C 232 -1.09 16.36 -2.70
N ASP C 233 -2.31 16.23 -3.21
CA ASP C 233 -3.24 15.21 -2.74
C ASP C 233 -3.25 14.06 -3.74
N ILE C 234 -2.86 12.87 -3.29
CA ILE C 234 -2.95 11.67 -4.10
C ILE C 234 -4.25 10.96 -3.73
N CYS C 235 -5.17 10.85 -4.68
CA CYS C 235 -6.47 10.26 -4.38
C CYS C 235 -6.82 9.17 -5.38
N GLY C 236 -7.60 8.21 -4.91
CA GLY C 236 -8.09 7.14 -5.75
C GLY C 236 -9.59 7.00 -5.63
N SER C 237 -10.23 6.72 -6.77
CA SER C 237 -11.68 6.54 -6.79
C SER C 237 -12.06 5.36 -5.91
N VAL C 238 -13.12 5.54 -5.12
CA VAL C 238 -13.63 4.49 -4.26
C VAL C 238 -15.14 4.41 -4.46
N ARG C 239 -15.62 3.21 -4.76
CA ARG C 239 -17.07 3.01 -4.89
C ARG C 239 -17.78 3.27 -3.57
N GLN C 240 -17.11 3.00 -2.46
CA GLN C 240 -17.65 3.17 -1.12
C GLN C 240 -16.59 3.82 -0.25
N PRO C 241 -16.97 4.37 0.90
CA PRO C 241 -15.97 4.97 1.80
C PRO C 241 -14.94 3.95 2.26
N ILE C 242 -13.79 4.46 2.67
CA ILE C 242 -12.68 3.64 3.09
C ILE C 242 -12.67 3.49 4.60
N ALA C 243 -11.80 2.62 5.11
CA ALA C 243 -11.70 2.33 6.52
C ALA C 243 -10.60 3.16 7.17
N GLU C 244 -10.79 3.47 8.44
CA GLU C 244 -9.83 4.27 9.19
C GLU C 244 -8.46 3.62 9.16
N ASN C 245 -7.42 4.44 9.07
CA ASN C 245 -6.10 3.96 8.71
C ASN C 245 -5.03 4.71 9.48
N ASP C 246 -3.95 3.99 9.82
CA ASP C 246 -2.76 4.60 10.40
C ASP C 246 -1.81 5.18 9.37
N VAL C 247 -2.01 4.92 8.07
CA VAL C 247 -1.22 5.61 7.07
C VAL C 247 -1.67 7.06 6.91
N GLY C 248 -2.91 7.37 7.28
CA GLY C 248 -3.43 8.72 7.22
C GLY C 248 -4.36 9.01 6.06
N VAL C 249 -4.65 8.03 5.21
CA VAL C 249 -5.54 8.26 4.08
C VAL C 249 -6.95 8.51 4.59
N VAL C 250 -7.59 9.54 4.06
CA VAL C 250 -8.90 9.98 4.52
C VAL C 250 -9.84 10.07 3.34
N ASN C 251 -11.11 9.83 3.60
CA ASN C 251 -12.16 10.01 2.60
C ASN C 251 -12.31 11.49 2.26
N SER C 252 -12.33 11.80 0.97
CA SER C 252 -12.56 13.16 0.50
C SER C 252 -13.41 13.09 -0.76
N GLU C 253 -13.76 14.26 -1.28
CA GLU C 253 -14.51 14.37 -2.51
C GLU C 253 -13.79 15.30 -3.47
N ILE C 254 -13.72 14.88 -4.74
CA ILE C 254 -13.41 15.78 -5.84
C ILE C 254 -14.74 16.37 -6.32
N PRO C 255 -15.02 17.64 -6.04
CA PRO C 255 -16.32 18.20 -6.41
C PRO C 255 -16.53 18.20 -7.91
N GLY C 256 -17.76 17.88 -8.31
CA GLY C 256 -18.14 17.90 -9.71
C GLY C 256 -18.61 19.27 -10.14
N GLY C 257 -18.43 19.56 -11.42
CA GLY C 257 -18.79 20.86 -11.95
C GLY C 257 -18.13 21.05 -13.30
N ARG C 258 -18.33 22.24 -13.85
CA ARG C 258 -17.69 22.56 -15.12
C ARG C 258 -16.17 22.51 -14.97
N CYS C 259 -15.52 21.87 -15.94
CA CYS C 259 -14.07 21.72 -15.92
C CYS C 259 -13.52 21.83 -17.34
N ALA C 260 -12.34 22.44 -17.44
CA ALA C 260 -11.59 22.51 -18.68
C ALA C 260 -10.51 21.43 -18.68
N VAL C 261 -10.44 20.67 -19.76
CA VAL C 261 -9.57 19.50 -19.87
C VAL C 261 -8.50 19.79 -20.90
N VAL C 262 -7.26 19.47 -20.57
CA VAL C 262 -6.15 19.50 -21.52
C VAL C 262 -5.33 18.23 -21.35
N ARG C 263 -4.98 17.59 -22.46
CA ARG C 263 -4.30 16.30 -22.43
C ARG C 263 -2.81 16.52 -22.58
N HIS C 264 -2.02 16.01 -21.63
CA HIS C 264 -0.56 16.08 -21.66
C HIS C 264 -0.02 14.68 -21.89
N GLN C 265 0.62 14.47 -23.04
CA GLN C 265 1.27 13.21 -23.37
C GLN C 265 2.77 13.40 -23.11
N GLY C 266 3.23 12.91 -21.97
CA GLY C 266 4.63 13.01 -21.64
C GLY C 266 4.87 12.74 -20.17
N SER C 267 6.11 13.04 -19.75
CA SER C 267 6.54 12.77 -18.39
C SER C 267 5.71 13.55 -17.38
N LEU C 268 5.50 12.95 -16.20
CA LEU C 268 4.73 13.61 -15.16
C LEU C 268 5.39 14.89 -14.70
N ASP C 269 6.73 14.89 -14.59
CA ASP C 269 7.45 16.12 -14.26
C ASP C 269 7.28 17.19 -15.33
N SER C 270 6.96 16.80 -16.56
CA SER C 270 6.68 17.74 -17.63
C SER C 270 5.25 18.26 -17.59
N LEU C 271 4.46 17.88 -16.59
CA LEU C 271 3.06 18.27 -16.46
C LEU C 271 2.88 19.77 -16.20
N PRO C 272 3.71 20.42 -15.37
CA PRO C 272 3.53 21.88 -15.15
C PRO C 272 3.43 22.69 -16.43
N GLU C 273 4.34 22.48 -17.38
CA GLU C 273 4.32 23.21 -18.65
C GLU C 273 2.94 23.24 -19.26
N SER C 274 2.39 22.05 -19.57
CA SER C 274 1.03 21.95 -20.08
C SER C 274 0.07 22.77 -19.22
N VAL C 275 0.09 22.55 -17.90
CA VAL C 275 -0.76 23.31 -16.99
C VAL C 275 -0.64 24.80 -17.27
N TRP C 276 0.60 25.31 -17.29
CA TRP C 276 0.80 26.74 -17.47
C TRP C 276 0.22 27.22 -18.79
N TYR C 277 0.31 26.41 -19.84
CA TYR C 277 -0.27 26.82 -21.13
C TYR C 277 -1.75 27.12 -20.96
N LEU C 278 -2.47 26.25 -20.24
CA LEU C 278 -3.89 26.46 -20.00
C LEU C 278 -4.15 27.82 -19.36
N PHE C 279 -3.26 28.24 -18.45
CA PHE C 279 -3.43 29.53 -17.79
C PHE C 279 -2.96 30.68 -18.68
N ARG C 280 -2.01 30.44 -19.59
CA ARG C 280 -1.43 31.54 -20.34
C ARG C 280 -2.26 31.91 -21.55
N GLU C 281 -2.94 30.95 -22.17
CA GLU C 281 -3.66 31.21 -23.41
C GLU C 281 -5.15 30.95 -23.28
N TRP C 282 -5.56 29.75 -22.89
CA TRP C 282 -6.98 29.39 -22.94
C TRP C 282 -7.79 30.19 -21.92
N LEU C 283 -7.31 30.26 -20.67
CA LEU C 283 -8.08 30.89 -19.60
C LEU C 283 -8.36 32.37 -19.84
N PRO C 284 -7.38 33.20 -20.24
CA PRO C 284 -7.71 34.61 -20.54
C PRO C 284 -8.84 34.75 -21.55
N ALA C 285 -8.78 33.97 -22.63
CA ALA C 285 -9.74 34.10 -23.72
C ALA C 285 -11.10 33.55 -23.36
N SER C 286 -11.15 32.50 -22.54
CA SER C 286 -12.43 31.86 -22.26
C SER C 286 -13.43 32.83 -21.64
N GLY C 287 -12.94 33.77 -20.83
CA GLY C 287 -13.81 34.55 -19.98
C GLY C 287 -14.58 33.77 -18.93
N GLU C 288 -14.34 32.47 -18.78
CA GLU C 288 -14.96 31.70 -17.72
C GLU C 288 -14.24 31.92 -16.39
N THR C 289 -15.02 32.09 -15.32
CA THR C 289 -14.43 32.35 -14.01
C THR C 289 -14.14 31.03 -13.31
N PRO C 290 -12.89 30.76 -12.90
CA PRO C 290 -12.57 29.45 -12.32
C PRO C 290 -13.37 29.17 -11.06
N ARG C 291 -13.49 27.89 -10.73
CA ARG C 291 -14.25 27.43 -9.58
C ARG C 291 -13.33 27.26 -8.36
N ASP C 292 -13.93 27.39 -7.18
CA ASP C 292 -13.19 27.27 -5.93
C ASP C 292 -12.78 25.83 -5.64
N PHE C 293 -11.97 25.23 -6.52
CA PHE C 293 -11.38 23.94 -6.19
C PHE C 293 -10.09 23.78 -6.97
N PRO C 294 -9.01 23.28 -6.37
CA PRO C 294 -7.71 23.26 -7.04
C PRO C 294 -7.71 22.48 -8.34
N VAL C 295 -6.69 22.76 -9.16
CA VAL C 295 -6.45 22.01 -10.39
C VAL C 295 -6.12 20.57 -10.05
N PHE C 296 -6.60 19.63 -10.86
CA PHE C 296 -6.25 18.23 -10.59
C PHE C 296 -5.86 17.51 -11.87
N PHE C 297 -5.37 16.29 -11.71
CA PHE C 297 -4.93 15.44 -12.79
C PHE C 297 -5.61 14.08 -12.67
N GLN C 298 -6.02 13.53 -13.82
CA GLN C 298 -6.43 12.13 -13.94
C GLN C 298 -5.32 11.39 -14.68
N TYR C 299 -4.68 10.44 -14.01
CA TYR C 299 -3.59 9.68 -14.63
C TYR C 299 -4.19 8.54 -15.41
N LEU C 300 -4.24 8.69 -16.75
CA LEU C 300 -4.83 7.65 -17.58
C LEU C 300 -3.91 6.44 -17.68
N ASN C 301 -2.61 6.64 -17.54
CA ASN C 301 -1.63 5.56 -17.66
C ASN C 301 -0.93 5.35 -16.34
N PHE C 302 -0.95 4.11 -15.84
CA PHE C 302 -0.07 3.71 -14.76
C PHE C 302 1.32 3.47 -15.36
N VAL C 303 2.35 3.93 -14.65
CA VAL C 303 3.66 4.12 -15.29
C VAL C 303 4.29 2.80 -15.73
N HIS C 304 4.06 1.70 -15.01
CA HIS C 304 4.71 0.46 -15.34
C HIS C 304 4.12 -0.22 -16.58
N GLU C 305 2.86 0.08 -16.91
CA GLU C 305 2.20 -0.64 -17.99
C GLU C 305 2.63 -0.17 -19.37
N VAL C 306 2.88 1.13 -19.53
CA VAL C 306 3.22 1.71 -20.82
C VAL C 306 4.44 2.61 -20.66
N ALA C 307 4.97 3.06 -21.80
CA ALA C 307 6.21 3.80 -21.81
C ALA C 307 6.00 5.25 -21.39
N GLU C 308 7.09 5.91 -21.00
CA GLU C 308 7.02 7.32 -20.64
C GLU C 308 6.69 8.19 -21.85
N HIS C 309 7.24 7.85 -23.01
CA HIS C 309 6.89 8.57 -24.23
C HIS C 309 5.39 8.48 -24.51
N GLU C 310 4.74 7.44 -24.00
CA GLU C 310 3.31 7.22 -24.21
C GLU C 310 2.47 7.52 -22.98
N LEU C 311 3.07 8.00 -21.89
CA LEU C 311 2.30 8.39 -20.73
C LEU C 311 1.31 9.49 -21.09
N LEU C 312 0.08 9.35 -20.62
CA LEU C 312 -1.00 10.28 -20.94
C LEU C 312 -1.67 10.70 -19.65
N THR C 313 -1.84 12.01 -19.46
CA THR C 313 -2.40 12.56 -18.23
C THR C 313 -3.38 13.66 -18.60
N ASP C 314 -4.59 13.60 -18.06
CA ASP C 314 -5.57 14.65 -18.28
C ASP C 314 -5.47 15.68 -17.15
N ILE C 315 -5.42 16.95 -17.52
CA ILE C 315 -5.36 18.05 -16.56
C ILE C 315 -6.72 18.74 -16.56
N TYR C 316 -7.33 18.84 -15.38
CA TYR C 316 -8.66 19.39 -15.20
C TYR C 316 -8.57 20.67 -14.38
N LEU C 317 -9.20 21.72 -14.90
CA LEU C 317 -9.28 23.02 -14.24
C LEU C 317 -10.74 23.31 -13.92
N PRO C 318 -11.14 23.33 -12.65
CA PRO C 318 -12.55 23.55 -12.30
C PRO C 318 -12.97 24.97 -12.61
N LEU C 319 -13.96 25.11 -13.50
CA LEU C 319 -14.53 26.39 -13.86
C LEU C 319 -15.95 26.48 -13.29
N ARG C 320 -16.42 27.71 -13.13
CA ARG C 320 -17.78 27.90 -12.65
C ARG C 320 -18.72 28.12 -13.82
N GLN D 29 6.29 -29.05 51.00
CA GLN D 29 7.22 -29.86 51.76
C GLN D 29 8.41 -30.30 50.92
N GLY D 30 8.15 -31.19 49.95
CA GLY D 30 9.18 -31.67 49.07
C GLY D 30 8.79 -31.52 47.62
N ALA D 31 9.82 -31.50 46.76
CA ALA D 31 9.61 -31.36 45.33
C ALA D 31 8.76 -32.52 44.81
N SER D 32 7.77 -32.18 43.98
CA SER D 32 6.83 -33.17 43.49
C SER D 32 7.45 -33.99 42.36
N MET D 33 6.96 -35.23 42.22
CA MET D 33 7.43 -36.11 41.15
C MET D 33 7.03 -35.58 39.79
N ASN D 34 5.78 -35.15 39.63
CA ASN D 34 5.33 -34.58 38.37
C ASN D 34 6.08 -33.31 38.02
N ASP D 35 6.48 -32.54 39.03
CA ASP D 35 7.32 -31.36 38.80
C ASP D 35 8.66 -31.77 38.19
N LEU D 36 9.29 -32.80 38.77
CA LEU D 36 10.57 -33.26 38.25
C LEU D 36 10.44 -33.79 36.83
N ILE D 37 9.35 -34.52 36.55
CA ILE D 37 9.14 -35.06 35.21
C ILE D 37 8.94 -33.92 34.21
N SER D 38 8.17 -32.91 34.60
CA SER D 38 7.95 -31.76 33.72
C SER D 38 9.25 -31.03 33.43
N ALA D 39 10.11 -30.89 34.44
CA ALA D 39 11.41 -30.26 34.22
C ALA D 39 12.28 -31.08 33.27
N ALA D 40 12.33 -32.40 33.48
CA ALA D 40 13.12 -33.25 32.59
C ALA D 40 12.61 -33.19 31.16
N TYR D 41 11.29 -33.13 30.98
CA TYR D 41 10.72 -32.99 29.64
C TYR D 41 11.09 -31.65 29.01
N SER D 42 10.84 -30.55 29.73
CA SER D 42 11.19 -29.23 29.24
C SER D 42 12.66 -29.15 28.84
N GLU D 43 13.55 -29.84 29.55
CA GLU D 43 14.95 -29.70 29.18
C GLU D 43 15.42 -30.74 28.18
N ARG D 44 14.70 -31.85 28.00
CA ARG D 44 14.83 -32.60 26.75
C ARG D 44 14.62 -31.66 25.57
N LEU D 45 13.54 -30.89 25.64
CA LEU D 45 13.25 -29.93 24.58
C LEU D 45 14.33 -28.86 24.49
N ARG D 46 14.88 -28.43 25.62
CA ARG D 46 15.96 -27.46 25.59
C ARG D 46 17.21 -28.02 24.93
N ARG D 47 17.53 -29.29 25.18
CA ARG D 47 18.60 -29.98 24.46
C ARG D 47 18.39 -29.88 22.96
N VAL D 48 17.17 -30.18 22.51
CA VAL D 48 16.89 -30.07 21.08
C VAL D 48 17.08 -28.63 20.59
N CYS D 49 16.62 -27.66 21.38
CA CYS D 49 16.78 -26.25 21.02
C CYS D 49 18.24 -25.90 20.82
N ASP D 50 19.11 -26.37 21.72
CA ASP D 50 20.54 -26.08 21.58
C ASP D 50 21.13 -26.74 20.35
N HIS D 51 20.79 -28.02 20.12
CA HIS D 51 21.33 -28.69 18.94
C HIS D 51 20.87 -27.99 17.66
N ILE D 52 19.68 -27.39 17.67
CA ILE D 52 19.23 -26.64 16.50
C ILE D 52 19.98 -25.32 16.40
N GLU D 53 20.18 -24.65 17.54
CA GLU D 53 20.90 -23.38 17.53
C GLU D 53 22.31 -23.54 16.98
N ARG D 54 22.92 -24.71 17.18
CA ARG D 54 24.23 -24.95 16.55
C ARG D 54 24.08 -25.22 15.06
N HIS D 55 23.30 -26.22 14.70
CA HIS D 55 23.13 -26.62 13.30
C HIS D 55 21.99 -25.87 12.61
N LEU D 56 22.04 -24.54 12.65
CA LEU D 56 21.03 -23.74 11.97
C LEU D 56 21.13 -23.90 10.46
N ASP D 57 22.35 -23.81 9.92
CA ASP D 57 22.55 -23.97 8.48
C ASP D 57 22.26 -25.40 8.04
N GLU D 58 22.39 -26.37 8.93
CA GLU D 58 22.25 -27.76 8.58
C GLU D 58 20.79 -28.11 8.31
N PRO D 59 20.51 -28.84 7.21
CA PRO D 59 19.13 -29.26 6.93
C PRO D 59 18.65 -30.25 7.98
N LEU D 60 17.56 -29.89 8.68
CA LEU D 60 17.12 -30.60 9.87
C LEU D 60 16.07 -31.64 9.49
N SER D 61 16.40 -32.92 9.70
CA SER D 61 15.46 -34.01 9.48
C SER D 61 14.72 -34.29 10.79
N ILE D 62 13.40 -34.32 10.72
CA ILE D 62 12.58 -34.35 11.93
C ILE D 62 12.85 -35.60 12.75
N GLU D 63 13.13 -36.73 12.10
CA GLU D 63 13.24 -37.98 12.84
C GLU D 63 14.37 -37.95 13.86
N ALA D 64 15.53 -37.40 13.47
CA ALA D 64 16.62 -37.28 14.42
C ALA D 64 16.28 -36.32 15.55
N LEU D 65 15.55 -35.24 15.25
CA LEU D 65 15.17 -34.28 16.27
C LEU D 65 14.13 -34.84 17.22
N SER D 66 13.32 -35.80 16.75
CA SER D 66 12.36 -36.49 17.60
C SER D 66 13.07 -37.51 18.48
N ARG D 67 14.08 -38.19 17.92
CA ARG D 67 14.94 -39.04 18.75
C ARG D 67 15.59 -38.24 19.86
N MET D 68 16.14 -37.06 19.53
CA MET D 68 16.73 -36.20 20.54
C MET D 68 15.70 -35.76 21.58
N ALA D 69 14.43 -35.73 21.21
CA ALA D 69 13.37 -35.35 22.13
C ALA D 69 12.77 -36.53 22.87
N HIS D 70 13.16 -37.75 22.50
CA HIS D 70 12.58 -38.98 23.06
C HIS D 70 11.06 -38.98 22.89
N SER D 71 10.62 -38.66 21.67
CA SER D 71 9.20 -38.56 21.37
C SER D 71 8.98 -39.04 19.94
N SER D 72 7.75 -38.87 19.44
CA SER D 72 7.36 -39.38 18.14
C SER D 72 7.34 -38.28 17.09
N PRO D 73 7.80 -38.60 15.88
CA PRO D 73 7.80 -37.59 14.81
C PRO D 73 6.44 -37.01 14.51
N PHE D 74 5.36 -37.77 14.77
CA PHE D 74 4.02 -37.28 14.48
C PHE D 74 3.58 -36.17 15.43
N HIS D 75 4.33 -35.94 16.52
CA HIS D 75 3.91 -34.95 17.50
C HIS D 75 5.02 -34.01 17.94
N PHE D 76 6.21 -34.07 17.31
CA PHE D 76 7.30 -33.21 17.76
C PHE D 76 6.98 -31.74 17.50
N HIS D 77 6.47 -31.43 16.31
CA HIS D 77 6.16 -30.04 15.99
C HIS D 77 5.20 -29.44 17.01
N ARG D 78 4.19 -30.21 17.42
CA ARG D 78 3.23 -29.68 18.36
C ARG D 78 3.84 -29.55 19.75
N GLN D 79 4.69 -30.50 20.15
CA GLN D 79 5.38 -30.37 21.44
C GLN D 79 6.25 -29.13 21.47
N PHE D 80 7.02 -28.89 20.41
CA PHE D 80 7.90 -27.74 20.37
C PHE D 80 7.11 -26.44 20.31
N THR D 81 6.03 -26.40 19.52
CA THR D 81 5.18 -25.22 19.51
C THR D 81 4.57 -24.98 20.88
N THR D 82 4.30 -26.04 21.63
CA THR D 82 3.81 -25.90 23.01
C THR D 82 4.86 -25.30 23.92
N TRP D 83 6.11 -25.77 23.81
CA TRP D 83 7.15 -25.39 24.75
C TRP D 83 7.75 -24.02 24.42
N SER D 84 8.31 -23.87 23.22
CA SER D 84 8.97 -22.62 22.85
C SER D 84 7.96 -21.48 22.76
N GLY D 85 6.87 -21.69 22.05
CA GLY D 85 5.92 -20.64 21.72
C GLY D 85 5.86 -20.33 20.24
N LEU D 86 6.82 -20.81 19.46
CA LEU D 86 6.83 -20.69 18.01
C LEU D 86 7.07 -22.07 17.40
N PRO D 87 6.44 -22.37 16.27
CA PRO D 87 6.83 -23.58 15.54
C PRO D 87 8.27 -23.47 15.06
N LEU D 88 8.87 -24.64 14.79
CA LEU D 88 10.24 -24.65 14.29
C LEU D 88 10.36 -23.81 13.02
N TYR D 89 9.35 -23.88 12.16
CA TYR D 89 9.18 -23.03 10.99
C TYR D 89 9.46 -21.56 11.32
N ARG D 90 8.93 -21.09 12.45
CA ARG D 90 9.12 -19.71 12.87
C ARG D 90 10.35 -19.53 13.76
N TYR D 91 10.69 -20.53 14.56
CA TYR D 91 11.81 -20.40 15.50
C TYR D 91 13.14 -20.33 14.76
N ILE D 92 13.35 -21.21 13.79
CA ILE D 92 14.57 -21.16 12.99
C ILE D 92 14.65 -19.85 12.22
N GLN D 93 13.50 -19.37 11.72
CA GLN D 93 13.47 -18.09 11.03
C GLN D 93 13.93 -16.96 11.94
N TRP D 94 13.40 -16.92 13.18
CA TRP D 94 13.78 -15.86 14.10
C TRP D 94 15.24 -15.97 14.51
N LEU D 95 15.75 -17.19 14.68
CA LEU D 95 17.17 -17.37 14.99
C LEU D 95 18.03 -16.83 13.87
N ARG D 96 17.68 -17.13 12.61
CA ARG D 96 18.46 -16.63 11.49
C ARG D 96 18.34 -15.12 11.36
N LEU D 97 17.19 -14.55 11.73
CA LEU D 97 17.07 -13.10 11.71
C LEU D 97 17.90 -12.44 12.81
N ARG D 98 18.05 -13.11 13.95
CA ARG D 98 18.96 -12.60 14.99
C ARG D 98 20.41 -12.68 14.52
N ARG D 99 20.77 -13.80 13.88
CA ARG D 99 22.05 -13.92 13.19
C ARG D 99 22.28 -12.73 12.26
N ALA D 100 21.29 -12.41 11.43
CA ALA D 100 21.43 -11.31 10.48
C ALA D 100 21.48 -9.96 11.18
N SER D 101 20.76 -9.80 12.29
CA SER D 101 20.84 -8.56 13.06
C SER D 101 22.27 -8.32 13.54
N TRP D 102 22.88 -9.36 14.11
CA TRP D 102 24.29 -9.26 14.50
C TRP D 102 25.17 -8.91 13.31
N ARG D 103 25.06 -9.68 12.23
CA ARG D 103 25.95 -9.48 11.09
C ARG D 103 25.74 -8.14 10.40
N LEU D 104 24.57 -7.51 10.58
CA LEU D 104 24.35 -6.13 10.15
C LEU D 104 25.03 -5.15 11.09
N ALA D 105 24.66 -5.18 12.37
CA ALA D 105 25.01 -4.07 13.27
C ALA D 105 26.51 -3.97 13.51
N PHE D 106 27.24 -5.10 13.48
CA PHE D 106 28.62 -5.10 13.93
C PHE D 106 29.62 -5.58 12.88
N ASN D 107 29.18 -6.07 11.73
CA ASN D 107 30.06 -6.51 10.65
C ASN D 107 29.73 -5.69 9.40
N PRO D 108 30.19 -4.43 9.34
CA PRO D 108 29.70 -3.54 8.27
C PRO D 108 30.21 -3.89 6.88
N GLN D 109 31.28 -4.68 6.74
CA GLN D 109 31.83 -4.94 5.42
C GLN D 109 31.15 -6.10 4.70
N ASP D 110 30.32 -6.89 5.37
CA ASP D 110 29.63 -7.98 4.72
C ASP D 110 28.56 -7.45 3.76
N LYS D 111 28.61 -7.91 2.52
CA LYS D 111 27.66 -7.46 1.51
C LYS D 111 26.24 -7.86 1.92
N VAL D 112 25.29 -7.00 1.57
CA VAL D 112 23.90 -7.25 1.96
C VAL D 112 23.31 -8.44 1.21
N ILE D 113 23.78 -8.68 -0.03
CA ILE D 113 23.36 -9.88 -0.75
C ILE D 113 23.85 -11.12 -0.01
N ASP D 114 25.10 -11.08 0.46
CA ASP D 114 25.66 -12.22 1.17
C ASP D 114 24.86 -12.54 2.44
N ILE D 115 24.49 -11.51 3.20
CA ILE D 115 23.75 -11.76 4.42
C ILE D 115 22.30 -12.14 4.13
N ALA D 116 21.73 -11.64 3.03
CA ALA D 116 20.38 -12.05 2.68
C ALA D 116 20.33 -13.51 2.26
N LEU D 117 21.37 -13.99 1.56
CA LEU D 117 21.44 -15.40 1.23
C LEU D 117 21.75 -16.24 2.46
N ASP D 118 22.61 -15.75 3.34
CA ASP D 118 23.00 -16.51 4.52
C ASP D 118 21.84 -16.65 5.50
N ALA D 119 20.93 -15.69 5.54
CA ALA D 119 19.75 -15.77 6.40
C ALA D 119 18.68 -16.70 5.84
N GLY D 120 18.96 -17.39 4.73
CA GLY D 120 18.02 -18.35 4.20
C GLY D 120 16.88 -17.78 3.39
N PHE D 121 17.04 -16.58 2.84
CA PHE D 121 16.02 -15.94 2.04
C PHE D 121 16.49 -15.84 0.59
N GLN D 122 15.60 -16.13 -0.35
CA GLN D 122 16.00 -16.23 -1.75
C GLN D 122 16.40 -14.86 -2.32
N ASN D 123 15.69 -13.80 -1.94
CA ASN D 123 15.92 -12.50 -2.55
C ASN D 123 16.19 -11.45 -1.49
N PRO D 124 17.06 -10.48 -1.78
CA PRO D 124 17.37 -9.43 -0.79
C PRO D 124 16.15 -8.63 -0.37
N GLU D 125 15.19 -8.44 -1.26
CA GLU D 125 13.99 -7.68 -0.92
C GLU D 125 13.01 -8.51 -0.09
N SER D 126 12.96 -9.83 -0.31
CA SER D 126 12.21 -10.70 0.59
C SER D 126 12.76 -10.63 2.01
N PHE D 127 14.09 -10.72 2.13
CA PHE D 127 14.74 -10.58 3.43
C PHE D 127 14.49 -9.21 4.03
N THR D 128 14.48 -8.16 3.18
CA THR D 128 14.18 -6.82 3.67
C THR D 128 12.78 -6.74 4.26
N ARG D 129 11.80 -7.29 3.54
CA ARG D 129 10.43 -7.31 4.03
C ARG D 129 10.33 -8.04 5.37
N ALA D 130 10.89 -9.26 5.44
CA ALA D 130 10.81 -10.05 6.66
C ALA D 130 11.47 -9.33 7.82
N PHE D 131 12.66 -8.77 7.59
CA PHE D 131 13.36 -8.02 8.63
C PHE D 131 12.54 -6.85 9.13
N LYS D 132 11.96 -6.08 8.21
CA LYS D 132 11.21 -4.89 8.60
C LYS D 132 9.97 -5.25 9.39
N THR D 133 9.25 -6.30 8.97
CA THR D 133 8.05 -6.69 9.70
C THR D 133 8.39 -7.33 11.04
N ALA D 134 9.54 -7.98 11.16
CA ALA D 134 9.87 -8.70 12.38
C ALA D 134 10.58 -7.83 13.42
N PHE D 135 11.24 -6.75 13.00
CA PHE D 135 12.03 -5.94 13.92
C PHE D 135 11.58 -4.49 14.01
N GLY D 136 10.95 -3.95 12.97
CA GLY D 136 10.44 -2.59 12.98
C GLY D 136 11.29 -1.58 12.25
N GLN D 137 12.57 -1.88 12.03
CA GLN D 137 13.47 -0.99 11.32
C GLN D 137 13.94 -1.65 10.03
N SER D 138 14.23 -0.83 9.02
CA SER D 138 14.78 -1.36 7.79
C SER D 138 16.17 -1.94 8.08
N PRO D 139 16.70 -2.76 7.17
CA PRO D 139 18.06 -3.29 7.42
C PRO D 139 19.13 -2.20 7.47
N ARG D 140 19.11 -1.26 6.52
CA ARG D 140 20.14 -0.23 6.49
C ARG D 140 19.96 0.76 7.64
N ARG D 141 18.73 1.19 7.90
CA ARG D 141 18.48 2.05 9.05
C ARG D 141 18.81 1.35 10.37
N PHE D 142 18.77 0.02 10.41
CA PHE D 142 19.16 -0.70 11.62
C PHE D 142 20.67 -0.77 11.76
N ARG D 143 21.39 -1.07 10.67
CA ARG D 143 22.84 -1.04 10.71
C ARG D 143 23.35 0.33 11.12
N GLN D 144 22.72 1.40 10.62
CA GLN D 144 23.24 2.73 10.89
C GLN D 144 22.94 3.19 12.32
N SER D 145 21.75 2.91 12.83
CA SER D 145 21.37 3.29 14.19
C SER D 145 20.47 2.22 14.78
N PRO D 146 21.05 1.13 15.29
CA PRO D 146 20.22 0.06 15.83
C PRO D 146 19.65 0.41 17.19
N ASP D 147 18.36 0.09 17.37
CA ASP D 147 17.68 0.23 18.66
C ASP D 147 17.43 -1.18 19.16
N TRP D 148 18.31 -1.66 20.04
CA TRP D 148 18.17 -3.02 20.56
C TRP D 148 17.11 -3.12 21.65
N LEU D 149 16.75 -2.01 22.28
CA LEU D 149 15.58 -2.00 23.16
C LEU D 149 14.31 -2.31 22.38
N ALA D 150 14.09 -1.58 21.29
CA ALA D 150 12.94 -1.84 20.43
C ALA D 150 13.04 -3.22 19.77
N TRP D 151 14.25 -3.66 19.47
CA TRP D 151 14.46 -5.00 18.93
C TRP D 151 13.98 -6.06 19.92
N HIS D 152 14.38 -5.92 21.19
CA HIS D 152 13.95 -6.86 22.22
C HIS D 152 12.46 -6.73 22.52
N GLN D 153 11.84 -5.58 22.25
CA GLN D 153 10.42 -5.46 22.53
C GLN D 153 9.55 -5.99 21.38
N ARG D 154 10.06 -5.95 20.15
CA ARG D 154 9.30 -6.54 19.04
C ARG D 154 9.58 -8.02 18.84
N VAL D 155 10.73 -8.52 19.33
CA VAL D 155 11.02 -9.96 19.24
C VAL D 155 9.92 -10.83 19.85
N PRO D 156 9.51 -10.66 21.12
CA PRO D 156 8.62 -11.64 21.73
C PRO D 156 7.17 -11.51 21.32
N LYS D 157 6.77 -10.42 20.67
CA LYS D 157 5.43 -10.30 20.12
C LYS D 157 5.26 -11.06 18.80
N LEU D 158 6.29 -11.78 18.36
CA LEU D 158 6.21 -12.58 17.14
C LEU D 158 5.80 -14.02 17.46
N HIS D 164 -9.49 -15.31 16.35
CA HIS D 164 -10.92 -15.08 16.49
C HIS D 164 -11.35 -13.91 15.60
N VAL D 165 -12.61 -13.51 15.69
CA VAL D 165 -13.12 -12.38 14.92
C VAL D 165 -12.87 -11.08 15.68
N MET D 166 -11.60 -10.82 15.97
CA MET D 166 -11.19 -9.59 16.65
C MET D 166 -10.99 -8.42 15.68
N ASP D 167 -10.89 -8.69 14.38
CA ASP D 167 -10.68 -7.62 13.41
C ASP D 167 -11.94 -6.76 13.27
N VAL D 168 -12.23 -5.94 14.26
CA VAL D 168 -13.34 -4.99 14.19
C VAL D 168 -12.81 -3.74 13.49
N LYS D 169 -13.13 -3.58 12.21
CA LYS D 169 -12.69 -2.39 11.50
C LYS D 169 -13.58 -1.21 11.90
N ILE D 170 -13.13 0.00 11.55
CA ILE D 170 -13.93 1.20 11.78
C ILE D 170 -14.04 1.94 10.46
N VAL D 171 -15.27 2.13 9.99
CA VAL D 171 -15.52 2.81 8.71
C VAL D 171 -16.57 3.88 8.93
N GLU D 172 -16.62 4.83 7.99
CA GLU D 172 -17.63 5.87 8.01
C GLU D 172 -18.73 5.47 7.04
N PHE D 173 -19.88 5.09 7.57
CA PHE D 173 -21.03 4.72 6.77
C PHE D 173 -21.62 5.94 6.09
N PRO D 174 -21.76 5.94 4.76
CA PRO D 174 -22.42 7.05 4.08
C PRO D 174 -23.90 7.10 4.43
N PRO D 175 -24.49 8.30 4.54
CA PRO D 175 -25.93 8.39 4.81
C PRO D 175 -26.74 7.74 3.70
N THR D 176 -27.42 6.63 4.00
CA THR D 176 -28.07 5.84 2.96
C THR D 176 -29.58 5.97 3.07
N ARG D 177 -30.21 6.40 1.99
CA ARG D 177 -31.66 6.39 1.90
C ARG D 177 -32.15 4.96 1.74
N VAL D 178 -33.14 4.56 2.54
CA VAL D 178 -33.62 3.19 2.54
C VAL D 178 -35.14 3.17 2.66
N ALA D 179 -35.73 2.06 2.22
CA ALA D 179 -37.12 1.72 2.46
C ALA D 179 -37.17 0.67 3.56
N MET D 180 -37.77 1.02 4.69
CA MET D 180 -37.79 0.17 5.87
C MET D 180 -39.21 -0.15 6.29
N LEU D 181 -39.39 -1.35 6.83
CA LEU D 181 -40.63 -1.75 7.48
C LEU D 181 -40.34 -1.94 8.96
N THR D 182 -41.12 -1.24 9.79
CA THR D 182 -41.01 -1.29 11.24
C THR D 182 -41.93 -2.38 11.78
N HIS D 183 -41.40 -3.27 12.62
CA HIS D 183 -42.22 -4.30 13.23
C HIS D 183 -42.07 -4.30 14.74
N LEU D 184 -43.22 -4.46 15.41
CA LEU D 184 -43.33 -4.65 16.84
C LEU D 184 -44.07 -5.93 17.14
N GLY D 185 -43.62 -6.65 18.14
CA GLY D 185 -44.30 -7.83 18.59
C GLY D 185 -43.29 -8.78 19.17
N HIS D 186 -43.42 -10.07 18.78
CA HIS D 186 -42.52 -11.12 19.18
C HIS D 186 -41.34 -11.21 18.21
N PRO D 187 -40.17 -11.65 18.70
CA PRO D 187 -39.06 -11.90 17.76
C PRO D 187 -39.39 -12.93 16.70
N ASP D 188 -40.17 -13.95 17.05
CA ASP D 188 -40.58 -14.97 16.07
C ASP D 188 -41.31 -14.34 14.88
N LYS D 189 -41.99 -13.23 15.11
CA LYS D 189 -42.75 -12.56 14.06
C LYS D 189 -41.84 -11.92 13.02
N VAL D 190 -40.55 -11.71 13.34
CA VAL D 190 -39.67 -10.90 12.50
C VAL D 190 -39.68 -11.42 11.07
N ASN D 191 -39.31 -12.69 10.88
CA ASN D 191 -39.24 -13.26 9.53
C ASN D 191 -40.53 -13.05 8.76
N ALA D 192 -41.67 -13.13 9.45
CA ALA D 192 -42.95 -12.84 8.81
C ALA D 192 -42.89 -11.53 8.05
N SER D 193 -42.66 -10.42 8.76
CA SER D 193 -42.56 -9.12 8.10
C SER D 193 -41.46 -9.13 7.05
N ALA D 194 -40.35 -9.84 7.32
CA ALA D 194 -39.28 -9.95 6.34
C ALA D 194 -39.83 -10.43 5.01
N ALA D 195 -40.62 -11.52 5.04
CA ALA D 195 -41.22 -12.03 3.81
C ALA D 195 -41.99 -10.93 3.09
N LYS D 196 -42.82 -10.19 3.83
CA LYS D 196 -43.58 -9.10 3.22
C LYS D 196 -42.65 -8.20 2.42
N PHE D 197 -41.53 -7.78 3.03
CA PHE D 197 -40.61 -6.88 2.34
C PHE D 197 -40.13 -7.51 1.04
N ILE D 198 -39.73 -8.79 1.09
CA ILE D 198 -39.30 -9.47 -0.13
C ILE D 198 -40.41 -9.39 -1.18
N ALA D 199 -41.64 -9.69 -0.76
CA ALA D 199 -42.78 -9.56 -1.67
C ALA D 199 -42.86 -8.15 -2.22
N TRP D 200 -42.73 -7.14 -1.34
CA TRP D 200 -42.76 -5.75 -1.80
C TRP D 200 -41.73 -5.53 -2.90
N ARG D 201 -40.52 -6.06 -2.72
CA ARG D 201 -39.51 -5.89 -3.75
C ARG D 201 -39.94 -6.57 -5.03
N ARG D 202 -40.46 -7.80 -4.93
CA ARG D 202 -41.01 -8.50 -6.07
C ARG D 202 -41.98 -7.65 -6.87
N GLU D 203 -42.58 -6.63 -6.24
CA GLU D 203 -43.60 -5.82 -6.90
C GLU D 203 -43.26 -4.33 -6.96
N THR D 204 -42.03 -3.92 -6.64
CA THR D 204 -41.69 -2.50 -6.67
C THR D 204 -40.36 -2.17 -7.33
N GLY D 205 -39.47 -3.15 -7.53
CA GLY D 205 -38.25 -2.90 -8.27
C GLY D 205 -37.18 -2.16 -7.51
N GLN D 206 -36.85 -2.63 -6.30
CA GLN D 206 -35.69 -2.16 -5.55
C GLN D 206 -34.62 -3.23 -5.69
N SER D 207 -33.80 -3.12 -6.74
CA SER D 207 -32.92 -4.21 -7.17
C SER D 207 -32.07 -4.75 -6.03
N PRO D 208 -32.39 -5.95 -5.51
CA PRO D 208 -31.54 -6.52 -4.45
C PRO D 208 -30.13 -6.83 -4.93
N ILE D 209 -30.01 -7.28 -6.18
CA ILE D 209 -28.70 -7.58 -6.75
C ILE D 209 -27.97 -6.27 -7.00
N ALA D 210 -26.84 -6.09 -6.30
CA ALA D 210 -25.90 -4.99 -6.54
C ALA D 210 -26.49 -3.62 -6.24
N SER D 211 -27.57 -3.23 -6.94
CA SER D 211 -28.02 -1.84 -6.91
C SER D 211 -28.45 -1.41 -5.51
N SER D 212 -29.07 -2.32 -4.75
CA SER D 212 -29.50 -2.01 -3.40
C SER D 212 -28.82 -2.97 -2.41
N GLN D 213 -28.88 -2.59 -1.14
CA GLN D 213 -28.34 -3.39 -0.06
C GLN D 213 -29.43 -3.62 0.99
N THR D 214 -29.23 -4.65 1.81
CA THR D 214 -30.24 -5.07 2.78
C THR D 214 -29.69 -4.95 4.19
N PHE D 215 -30.34 -4.11 4.99
CA PHE D 215 -29.93 -3.82 6.36
C PHE D 215 -31.02 -4.22 7.34
N GLY D 216 -30.60 -4.43 8.59
CA GLY D 216 -31.49 -4.69 9.69
C GLY D 216 -31.17 -3.82 10.88
N ILE D 217 -32.13 -3.00 11.32
CA ILE D 217 -31.96 -2.13 12.47
C ILE D 217 -32.48 -2.88 13.70
N ALA D 218 -31.56 -3.19 14.62
CA ALA D 218 -31.86 -4.00 15.80
C ALA D 218 -31.96 -3.07 17.00
N TRP D 219 -33.17 -2.53 17.19
CA TRP D 219 -33.38 -1.52 18.22
C TRP D 219 -33.11 -2.07 19.62
N HIS D 220 -33.48 -3.33 19.86
CA HIS D 220 -33.36 -3.93 21.18
C HIS D 220 -32.99 -5.40 21.04
N ASP D 221 -32.26 -5.90 22.04
CA ASP D 221 -31.90 -7.31 22.04
C ASP D 221 -33.14 -8.15 22.35
N PRO D 222 -33.32 -9.29 21.65
CA PRO D 222 -34.58 -10.04 21.81
C PRO D 222 -34.82 -10.55 23.22
N GLN D 223 -33.80 -11.11 23.88
CA GLN D 223 -34.02 -11.70 25.21
C GLN D 223 -34.12 -10.62 26.29
N THR D 224 -33.31 -9.57 26.20
CA THR D 224 -33.35 -8.53 27.23
C THR D 224 -34.68 -7.78 27.23
N THR D 225 -35.28 -7.60 26.07
CA THR D 225 -36.44 -6.74 25.91
C THR D 225 -37.70 -7.41 26.45
N PRO D 226 -38.53 -6.68 27.19
CA PRO D 226 -39.90 -7.15 27.44
C PRO D 226 -40.60 -7.40 26.12
N PRO D 227 -41.36 -8.49 26.01
CA PRO D 227 -41.82 -8.95 24.68
C PRO D 227 -42.69 -7.96 23.93
N ALA D 228 -43.19 -6.90 24.58
CA ALA D 228 -44.17 -6.04 23.93
C ALA D 228 -43.53 -4.94 23.08
N GLN D 229 -42.37 -4.42 23.47
CA GLN D 229 -41.80 -3.25 22.81
C GLN D 229 -40.66 -3.58 21.86
N PHE D 230 -40.35 -4.85 21.63
CA PHE D 230 -39.28 -5.17 20.68
C PHE D 230 -39.62 -4.62 19.30
N ARG D 231 -38.71 -3.84 18.74
CA ARG D 231 -38.91 -3.23 17.43
C ARG D 231 -37.72 -3.58 16.54
N PHE D 232 -38.02 -4.04 15.34
CA PHE D 232 -36.98 -4.36 14.36
C PHE D 232 -37.35 -3.71 13.04
N ASP D 233 -36.39 -3.01 12.43
CA ASP D 233 -36.65 -2.37 11.13
C ASP D 233 -35.90 -3.13 10.05
N ILE D 234 -36.63 -3.58 9.03
CA ILE D 234 -36.03 -4.27 7.89
C ILE D 234 -35.92 -3.28 6.75
N CYS D 235 -34.70 -2.95 6.35
CA CYS D 235 -34.45 -1.85 5.43
C CYS D 235 -33.78 -2.37 4.16
N GLY D 236 -34.09 -1.72 3.03
CA GLY D 236 -33.44 -1.99 1.78
C GLY D 236 -33.05 -0.71 1.08
N SER D 237 -31.82 -0.65 0.56
CA SER D 237 -31.33 0.58 -0.05
C SER D 237 -32.21 1.00 -1.23
N VAL D 238 -32.37 2.32 -1.39
CA VAL D 238 -33.16 2.89 -2.46
C VAL D 238 -32.44 4.12 -2.99
N ARG D 239 -32.46 4.28 -4.32
CA ARG D 239 -31.86 5.46 -4.94
C ARG D 239 -32.81 6.65 -4.95
N GLN D 240 -34.11 6.38 -5.06
CA GLN D 240 -35.15 7.40 -5.18
C GLN D 240 -36.24 7.12 -4.17
N PRO D 241 -37.09 8.10 -3.87
CA PRO D 241 -38.22 7.86 -2.95
C PRO D 241 -39.11 6.74 -3.45
N ILE D 242 -39.77 6.07 -2.51
CA ILE D 242 -40.44 4.81 -2.78
C ILE D 242 -41.85 5.05 -3.28
N ALA D 243 -42.43 4.00 -3.84
CA ALA D 243 -43.82 4.05 -4.28
C ALA D 243 -44.76 3.97 -3.09
N GLU D 244 -45.88 4.69 -3.19
CA GLU D 244 -46.90 4.63 -2.15
C GLU D 244 -47.39 3.20 -1.97
N ASN D 245 -47.67 2.83 -0.73
CA ASN D 245 -48.07 1.45 -0.46
C ASN D 245 -48.84 1.39 0.86
N ASP D 246 -49.73 0.42 0.95
CA ASP D 246 -50.45 0.12 2.18
C ASP D 246 -49.80 -1.00 2.99
N VAL D 247 -48.80 -1.69 2.43
CA VAL D 247 -48.08 -2.71 3.16
C VAL D 247 -47.27 -2.16 4.31
N GLY D 248 -47.12 -0.84 4.39
CA GLY D 248 -46.39 -0.21 5.47
C GLY D 248 -44.93 0.05 5.21
N VAL D 249 -44.48 -0.03 3.96
CA VAL D 249 -43.09 0.28 3.65
C VAL D 249 -42.89 1.79 3.70
N VAL D 250 -41.93 2.22 4.51
CA VAL D 250 -41.71 3.64 4.80
C VAL D 250 -40.38 4.07 4.22
N ASN D 251 -40.26 5.37 3.94
CA ASN D 251 -38.99 5.99 3.58
C ASN D 251 -38.27 6.44 4.84
N SER D 252 -36.99 6.08 4.96
CA SER D 252 -36.18 6.56 6.07
C SER D 252 -34.73 6.62 5.62
N GLU D 253 -33.86 7.08 6.50
CA GLU D 253 -32.45 7.19 6.21
C GLU D 253 -31.64 6.55 7.33
N ILE D 254 -30.63 5.78 6.94
CA ILE D 254 -29.59 5.35 7.87
C ILE D 254 -28.58 6.48 7.94
N PRO D 255 -28.49 7.17 9.07
CA PRO D 255 -27.58 8.33 9.17
C PRO D 255 -26.14 7.92 8.93
N GLY D 256 -25.45 8.72 8.11
CA GLY D 256 -24.03 8.52 7.94
C GLY D 256 -23.25 8.93 9.17
N GLY D 257 -22.06 8.38 9.28
CA GLY D 257 -21.21 8.64 10.43
C GLY D 257 -20.39 7.41 10.76
N ARG D 258 -19.68 7.50 11.88
CA ARG D 258 -18.75 6.45 12.26
C ARG D 258 -19.48 5.17 12.63
N CYS D 259 -18.89 4.03 12.29
CA CYS D 259 -19.38 2.73 12.71
C CYS D 259 -18.24 1.74 12.80
N ALA D 260 -18.47 0.69 13.56
CA ALA D 260 -17.53 -0.42 13.70
C ALA D 260 -18.09 -1.65 12.99
N VAL D 261 -17.28 -2.22 12.11
CA VAL D 261 -17.63 -3.38 11.30
C VAL D 261 -17.05 -4.63 11.95
N VAL D 262 -17.91 -5.63 12.15
CA VAL D 262 -17.47 -6.97 12.56
C VAL D 262 -18.17 -7.99 11.66
N ARG D 263 -17.38 -8.87 11.05
CA ARG D 263 -17.91 -9.89 10.16
C ARG D 263 -18.38 -11.09 10.96
N HIS D 264 -19.57 -11.60 10.62
CA HIS D 264 -20.11 -12.83 11.19
C HIS D 264 -20.42 -13.80 10.08
N GLN D 265 -19.87 -15.01 10.18
CA GLN D 265 -20.09 -16.08 9.22
C GLN D 265 -20.94 -17.14 9.90
N GLY D 266 -22.25 -17.11 9.64
CA GLY D 266 -23.15 -18.07 10.26
C GLY D 266 -24.62 -17.81 10.01
N SER D 267 -25.39 -17.67 11.08
CA SER D 267 -26.84 -17.56 10.99
C SER D 267 -27.33 -16.34 11.76
N LEU D 268 -28.61 -16.03 11.59
CA LEU D 268 -29.21 -14.92 12.34
C LEU D 268 -29.29 -15.25 13.83
N ASP D 269 -29.39 -16.53 14.18
CA ASP D 269 -29.37 -16.92 15.59
C ASP D 269 -28.00 -16.73 16.22
N SER D 270 -26.93 -16.92 15.44
CA SER D 270 -25.58 -16.76 15.94
C SER D 270 -25.11 -15.31 15.94
N LEU D 271 -25.75 -14.44 15.16
CA LEU D 271 -25.37 -13.03 15.15
C LEU D 271 -25.40 -12.39 16.53
N PRO D 272 -26.37 -12.66 17.42
CA PRO D 272 -26.28 -12.10 18.77
C PRO D 272 -24.96 -12.39 19.47
N GLU D 273 -24.37 -13.57 19.25
CA GLU D 273 -23.11 -13.87 19.92
C GLU D 273 -22.00 -12.92 19.46
N SER D 274 -21.94 -12.62 18.16
CA SER D 274 -20.92 -11.70 17.66
C SER D 274 -21.23 -10.26 18.06
N VAL D 275 -22.52 -9.90 18.04
CA VAL D 275 -22.95 -8.58 18.50
C VAL D 275 -22.48 -8.33 19.93
N TRP D 276 -22.75 -9.29 20.81
CA TRP D 276 -22.35 -9.18 22.21
C TRP D 276 -20.84 -9.32 22.38
N TYR D 277 -20.16 -10.05 21.48
CA TYR D 277 -18.69 -10.00 21.46
C TYR D 277 -18.20 -8.57 21.30
N LEU D 278 -18.66 -7.90 20.24
CA LEU D 278 -18.23 -6.52 20.01
C LEU D 278 -18.60 -5.65 21.20
N PHE D 279 -19.85 -5.74 21.67
CA PHE D 279 -20.31 -4.98 22.83
C PHE D 279 -19.41 -5.19 24.04
N ARG D 280 -18.99 -6.43 24.29
CA ARG D 280 -18.29 -6.78 25.52
C ARG D 280 -16.81 -6.43 25.46
N GLU D 281 -16.16 -6.72 24.33
CA GLU D 281 -14.72 -6.59 24.20
C GLU D 281 -14.31 -5.30 23.47
N TRP D 282 -14.89 -5.02 22.30
CA TRP D 282 -14.42 -3.90 21.50
C TRP D 282 -14.79 -2.56 22.15
N LEU D 283 -15.95 -2.48 22.79
CA LEU D 283 -16.40 -1.18 23.29
C LEU D 283 -15.54 -0.65 24.42
N PRO D 284 -15.20 -1.43 25.46
CA PRO D 284 -14.30 -0.88 26.49
C PRO D 284 -12.94 -0.48 25.93
N ALA D 285 -12.36 -1.31 25.06
CA ALA D 285 -11.02 -1.04 24.56
C ALA D 285 -10.97 0.18 23.66
N SER D 286 -11.95 0.33 22.76
CA SER D 286 -11.94 1.47 21.84
C SER D 286 -12.08 2.79 22.58
N GLY D 287 -12.88 2.82 23.64
CA GLY D 287 -13.17 4.07 24.30
C GLY D 287 -13.85 5.10 23.43
N GLU D 288 -14.43 4.68 22.30
CA GLU D 288 -15.12 5.56 21.37
C GLU D 288 -16.61 5.52 21.69
N THR D 289 -17.17 6.67 22.04
CA THR D 289 -18.56 6.75 22.48
C THR D 289 -19.49 6.30 21.36
N PRO D 290 -20.49 5.46 21.65
CA PRO D 290 -21.42 5.05 20.59
C PRO D 290 -22.34 6.19 20.18
N ARG D 291 -22.68 6.22 18.90
CA ARG D 291 -23.59 7.22 18.36
C ARG D 291 -25.03 6.86 18.71
N ASP D 292 -25.89 7.88 18.79
CA ASP D 292 -27.31 7.68 19.05
C ASP D 292 -28.03 7.07 17.85
N PHE D 293 -27.55 5.93 17.37
CA PHE D 293 -28.24 5.16 16.34
C PHE D 293 -28.26 3.71 16.77
N PRO D 294 -29.37 3.00 16.55
CA PRO D 294 -29.39 1.56 16.85
C PRO D 294 -28.42 0.78 15.99
N VAL D 295 -27.87 -0.29 16.56
CA VAL D 295 -26.98 -1.17 15.81
C VAL D 295 -27.67 -1.67 14.55
N PHE D 296 -26.89 -1.95 13.52
CA PHE D 296 -27.52 -2.52 12.33
C PHE D 296 -26.64 -3.59 11.71
N PHE D 297 -27.28 -4.42 10.89
CA PHE D 297 -26.61 -5.45 10.11
C PHE D 297 -26.76 -5.15 8.62
N GLN D 298 -25.78 -5.58 7.85
CA GLN D 298 -25.83 -5.54 6.40
C GLN D 298 -25.54 -6.94 5.89
N TYR D 299 -26.50 -7.54 5.21
CA TYR D 299 -26.35 -8.91 4.73
C TYR D 299 -25.71 -8.88 3.34
N LEU D 300 -24.49 -9.38 3.24
CA LEU D 300 -23.79 -9.46 1.96
C LEU D 300 -24.36 -10.56 1.09
N ASN D 301 -24.53 -11.76 1.65
CA ASN D 301 -25.31 -12.83 1.05
C ASN D 301 -26.60 -12.94 1.82
N PHE D 302 -27.72 -12.73 1.15
CA PHE D 302 -29.00 -12.81 1.83
C PHE D 302 -29.30 -14.25 2.23
N VAL D 303 -30.18 -14.40 3.22
CA VAL D 303 -30.45 -15.71 3.80
C VAL D 303 -31.16 -16.59 2.76
N HIS D 304 -30.93 -17.91 2.87
CA HIS D 304 -31.54 -18.94 2.03
C HIS D 304 -31.05 -18.93 0.59
N GLU D 305 -30.47 -17.81 0.13
CA GLU D 305 -29.92 -17.77 -1.22
C GLU D 305 -28.69 -18.66 -1.35
N VAL D 306 -27.94 -18.84 -0.26
CA VAL D 306 -26.73 -19.63 -0.25
C VAL D 306 -26.64 -20.35 1.09
N ALA D 307 -25.58 -21.14 1.27
CA ALA D 307 -25.45 -22.01 2.44
C ALA D 307 -25.45 -21.20 3.73
N GLU D 308 -25.95 -21.84 4.80
CA GLU D 308 -26.00 -21.19 6.11
C GLU D 308 -24.59 -20.96 6.66
N HIS D 309 -23.68 -21.92 6.47
CA HIS D 309 -22.31 -21.71 6.91
C HIS D 309 -21.58 -20.68 6.05
N GLU D 310 -22.00 -20.53 4.79
CA GLU D 310 -21.41 -19.55 3.89
C GLU D 310 -21.98 -18.15 4.08
N LEU D 311 -23.14 -18.04 4.74
CA LEU D 311 -23.79 -16.74 4.94
C LEU D 311 -22.83 -15.77 5.62
N LEU D 312 -22.86 -14.52 5.16
CA LEU D 312 -21.93 -13.50 5.65
C LEU D 312 -22.72 -12.25 6.00
N THR D 313 -22.47 -11.70 7.18
CA THR D 313 -23.16 -10.50 7.63
C THR D 313 -22.14 -9.53 8.24
N ASP D 314 -22.35 -8.24 8.01
CA ASP D 314 -21.55 -7.19 8.63
C ASP D 314 -22.37 -6.53 9.72
N ILE D 315 -21.88 -6.56 10.95
CA ILE D 315 -22.52 -5.87 12.06
C ILE D 315 -21.85 -4.52 12.25
N TYR D 316 -22.66 -3.47 12.31
CA TYR D 316 -22.22 -2.09 12.40
C TYR D 316 -22.69 -1.53 13.73
N LEU D 317 -21.71 -1.14 14.57
CA LEU D 317 -21.97 -0.39 15.78
C LEU D 317 -21.81 1.11 15.51
N PRO D 318 -22.85 1.91 15.64
CA PRO D 318 -22.70 3.36 15.43
C PRO D 318 -21.83 3.98 16.51
N LEU D 319 -20.93 4.87 16.08
CA LEU D 319 -19.90 5.43 16.93
C LEU D 319 -19.87 6.93 16.74
N ARG D 320 -19.57 7.66 17.82
CA ARG D 320 -19.59 9.12 17.75
C ARG D 320 -18.29 9.68 17.18
#